data_7OM3
#
_entry.id   7OM3
#
_cell.length_a   113.356
_cell.length_b   142.936
_cell.length_c   65.582
_cell.angle_alpha   90.000
_cell.angle_beta   90.000
_cell.angle_gamma   90.000
#
_symmetry.space_group_name_H-M   'P 21 21 2'
#
loop_
_entity.id
_entity.type
_entity.pdbx_description
1 polymer 'DNA polymerase,DNA polymerase,DNA polymerase'
2 polymer '21nt Template'
3 polymer Primer
4 non-polymer DI(HYDROXYETHYL)ETHER
5 non-polymer 1,2-ETHANEDIOL
6 non-polymer 'BROMIDE ION'
7 non-polymer GLYCEROL
8 water water
#
loop_
_entity_poly.entity_id
_entity_poly.type
_entity_poly.pdbx_seq_one_letter_code
_entity_poly.pdbx_strand_id
1 'polypeptide(L)'
;MILDTDYITEDGKPVIRIFKKENGEFKIEYDRTFEPYFYALLKDDSAIEEVKKITAERHGTVVTVKRVEKVQKKFLGRPV
EVWKLYFTHPQDVPAIRDKIREHPAVIDIYEYDIPFAKRYLIDKGLVPMEGDEELKMLAFAIATLYHEGEEFAEGPILMI
SYADEEGARVITWKNVDLPYVDVVSTEREMIKRFLRVVKEKDPDVLITYNGDNFDFAYLKKRCEKLGINFALGRDGSEPK
IQRMGDRFAVEVKGRIHFDLYPVIRRTINLPTYTLEAVYEAVFGQPKEKVYAEEITTAWETGENLERVARYSMEDAKVTY
ELGKEFLPMEAQLSRLIGQSLWDVSRSSTGNLVEWFLLRKAYERNELAPNKPDEKELARRRQSYEGGYVKEPERGLWENI
VYLDFRSLYPSIIITHNVSPDTLNREGCKEYDVAPQVGHRFCKDFPGFIPSLLGDLLEERQKIKKKMKATIDPIERKLLD
YRQRAIKILANSYYGYYGYARARWYCKECAESVTAWGREYITMTIKEIEEKYGFKVIYSDTDGFFATIPGADAETVKKKA
MEFLKYINAKLPGALELEYEGFYKRGFFVTKKKYAVIDEEGKITTRGLEIVRRDWSEIAKETQARVLEALLKDGDVEKAV
RIVKEVTEKLSKYEVPPEKLVIHEQITRDLKDYKATGPHVAVAKRLAARGVKIRPGTVISYIVLKGSGRIGDRAIPFDEF
DPTKHKYDAEYYIENQVLPAVERILRAFGYRKEDLRYQKTRQVGLSAWLKPKGT
;
A
2 'polydeoxyribonucleotide'
;(DT)(DA)(DT)(DI)(DC)(DA)(DA)(DC)(DT)(DG)(DT)(DG)(DG)(DC)(DC)(DG)(DT)(DG)(DG)(DT)
(DC)
;
T
3 'polydeoxyribonucleotide' (DG)(DA)(DC)(DC)(DA)(DC)(DG)(DG)(DC)(DC)(DA)(DOC) P
#
# COMPACT_ATOMS: atom_id res chain seq x y z
N MET A 1 22.85 -14.21 0.34
CA MET A 1 21.69 -13.32 0.54
C MET A 1 20.87 -13.71 1.76
N ILE A 2 20.61 -12.78 2.66
CA ILE A 2 19.80 -13.07 3.83
C ILE A 2 18.33 -12.97 3.47
N LEU A 3 17.57 -14.01 3.85
CA LEU A 3 16.12 -14.07 3.64
C LEU A 3 15.33 -13.65 4.86
N ASP A 4 15.74 -14.11 6.04
CA ASP A 4 14.94 -13.86 7.24
C ASP A 4 15.78 -14.20 8.45
N THR A 5 15.31 -13.71 9.59
CA THR A 5 15.86 -14.11 10.87
C THR A 5 14.71 -14.48 11.80
N ASP A 6 14.99 -15.41 12.71
CA ASP A 6 14.08 -15.65 13.82
C ASP A 6 14.93 -16.18 14.96
N TYR A 7 14.29 -16.68 16.01
CA TYR A 7 15.02 -17.41 17.03
C TYR A 7 14.19 -18.61 17.49
N ILE A 8 14.90 -19.58 18.07
CA ILE A 8 14.31 -20.70 18.77
C ILE A 8 14.96 -20.76 20.13
N THR A 9 14.50 -21.68 20.97
CA THR A 9 14.99 -21.78 22.33
C THR A 9 15.61 -23.13 22.56
N GLU A 10 16.79 -23.10 23.17
CA GLU A 10 17.60 -24.28 23.39
C GLU A 10 18.12 -24.20 24.81
N ASP A 11 17.71 -25.16 25.66
CA ASP A 11 18.02 -25.14 27.10
C ASP A 11 17.73 -23.77 27.71
N GLY A 12 16.60 -23.18 27.33
CA GLY A 12 16.18 -21.92 27.89
C GLY A 12 16.82 -20.68 27.29
N LYS A 13 17.76 -20.83 26.36
CA LYS A 13 18.47 -19.68 25.85
C LYS A 13 18.14 -19.46 24.40
N PRO A 14 18.16 -18.21 23.94
CA PRO A 14 17.76 -17.94 22.55
C PRO A 14 18.89 -18.21 21.57
N VAL A 15 18.53 -18.81 20.46
CA VAL A 15 19.47 -19.13 19.39
C VAL A 15 18.90 -18.44 18.15
N ILE A 16 19.61 -17.42 17.64
CA ILE A 16 19.15 -16.70 16.45
C ILE A 16 19.37 -17.58 15.24
N ARG A 17 18.43 -17.62 14.31
CA ARG A 17 18.64 -18.35 13.08
C ARG A 17 18.67 -17.34 11.95
N ILE A 18 19.72 -17.40 11.13
CA ILE A 18 19.79 -16.55 9.95
C ILE A 18 19.62 -17.44 8.74
N PHE A 19 18.49 -17.27 8.06
CA PHE A 19 18.14 -18.01 6.87
C PHE A 19 18.74 -17.31 5.64
N LYS A 20 19.59 -18.01 4.93
CA LYS A 20 20.36 -17.46 3.84
C LYS A 20 20.21 -18.33 2.59
N LYS A 21 20.45 -17.68 1.44
CA LYS A 21 20.64 -18.36 0.17
C LYS A 21 21.93 -17.82 -0.43
N GLU A 22 22.98 -18.63 -0.42
CA GLU A 22 24.30 -18.26 -0.94
C GLU A 22 24.66 -19.26 -2.03
N ASN A 23 24.74 -18.78 -3.26
CA ASN A 23 25.28 -19.55 -4.37
C ASN A 23 24.41 -20.77 -4.66
N GLY A 24 23.11 -20.57 -4.67
CA GLY A 24 22.18 -21.63 -4.96
C GLY A 24 21.89 -22.59 -3.81
N GLU A 25 22.45 -22.36 -2.63
CA GLU A 25 22.31 -23.27 -1.50
C GLU A 25 21.63 -22.56 -0.34
N PHE A 26 20.58 -23.19 0.17
CA PHE A 26 19.98 -22.72 1.42
C PHE A 26 20.90 -23.05 2.57
N LYS A 27 21.02 -22.11 3.51
CA LYS A 27 21.91 -22.25 4.65
C LYS A 27 21.21 -21.68 5.88
N ILE A 28 21.52 -22.25 7.03
CA ILE A 28 21.12 -21.69 8.30
C ILE A 28 22.38 -21.44 9.09
N GLU A 29 22.57 -20.21 9.50
CA GLU A 29 23.62 -19.84 10.42
C GLU A 29 22.93 -19.59 11.75
N TYR A 30 23.58 -19.97 12.84
CA TYR A 30 23.03 -19.88 14.17
C TYR A 30 23.88 -18.89 14.98
N ASP A 31 23.25 -18.08 15.80
CA ASP A 31 24.00 -17.21 16.70
C ASP A 31 23.42 -17.36 18.10
N ARG A 32 24.27 -17.77 19.05
CA ARG A 32 23.88 -17.89 20.45
C ARG A 32 24.36 -16.75 21.35
N THR A 33 25.01 -15.73 20.81
CA THR A 33 25.75 -14.79 21.65
C THR A 33 25.02 -13.47 21.86
N PHE A 34 23.93 -13.22 21.15
CA PHE A 34 23.32 -11.90 21.15
C PHE A 34 22.29 -11.82 22.27
N GLU A 35 22.33 -10.73 23.04
CA GLU A 35 21.52 -10.56 24.25
C GLU A 35 20.40 -9.56 24.01
N PRO A 36 19.16 -9.90 24.36
CA PRO A 36 18.12 -8.89 24.35
C PRO A 36 18.43 -7.80 25.38
N TYR A 37 17.93 -6.60 25.10
CA TYR A 37 18.14 -5.50 26.03
C TYR A 37 17.12 -4.40 25.76
N PHE A 38 16.91 -3.55 26.75
CA PHE A 38 16.30 -2.25 26.49
C PHE A 38 16.93 -1.24 27.45
N TYR A 39 16.50 0.02 27.34
CA TYR A 39 17.15 1.09 28.07
C TYR A 39 16.23 1.63 29.14
N ALA A 40 16.84 2.08 30.24
CA ALA A 40 16.15 2.75 31.34
C ALA A 40 16.81 4.08 31.64
N LEU A 41 16.00 5.15 31.70
CA LEU A 41 16.45 6.46 32.14
C LEU A 41 16.13 6.61 33.63
N LEU A 42 17.16 6.84 34.45
CA LEU A 42 16.99 6.91 35.90
C LEU A 42 17.07 8.32 36.44
N LYS A 43 16.32 8.56 37.52
CA LYS A 43 16.44 9.81 38.28
C LYS A 43 17.82 9.96 38.91
N ASP A 44 18.46 8.86 39.27
CA ASP A 44 19.77 8.91 39.89
C ASP A 44 20.45 7.57 39.65
N ASP A 45 21.74 7.63 39.30
CA ASP A 45 22.46 6.42 38.94
C ASP A 45 22.53 5.42 40.10
N SER A 46 22.44 5.87 41.35
CA SER A 46 22.53 4.91 42.43
C SER A 46 21.29 4.02 42.53
N ALA A 47 20.18 4.40 41.89
CA ALA A 47 19.04 3.52 41.87
C ALA A 47 19.25 2.27 41.02
N ILE A 48 20.35 2.20 40.25
CA ILE A 48 20.57 1.00 39.42
C ILE A 48 20.60 -0.26 40.27
N GLU A 49 21.07 -0.15 41.51
CA GLU A 49 21.18 -1.33 42.36
C GLU A 49 19.83 -1.87 42.75
N GLU A 50 18.82 -1.00 42.93
CA GLU A 50 17.47 -1.51 43.12
C GLU A 50 16.92 -2.09 41.81
N VAL A 51 17.14 -1.40 40.69
CA VAL A 51 16.61 -1.86 39.40
C VAL A 51 17.22 -3.20 39.02
N LYS A 52 18.50 -3.39 39.32
CA LYS A 52 19.15 -4.66 39.04
C LYS A 52 18.40 -5.84 39.67
N LYS A 53 17.73 -5.61 40.79
CA LYS A 53 17.15 -6.68 41.58
C LYS A 53 15.69 -6.92 41.26
N ILE A 54 15.10 -6.12 40.37
CA ILE A 54 13.71 -6.34 40.01
C ILE A 54 13.62 -7.68 39.33
N THR A 55 12.55 -8.44 39.62
CA THR A 55 12.37 -9.73 38.99
C THR A 55 10.92 -9.91 38.56
N ALA A 56 10.73 -10.91 37.71
CA ALA A 56 9.41 -11.25 37.19
C ALA A 56 9.36 -12.77 37.00
N GLU A 57 8.24 -13.27 36.48
CA GLU A 57 8.13 -14.71 36.25
C GLU A 57 7.55 -14.98 34.88
N ARG A 58 7.97 -16.11 34.32
CA ARG A 58 7.67 -16.51 32.96
C ARG A 58 7.43 -18.01 32.98
N HIS A 59 6.18 -18.44 32.80
CA HIS A 59 5.84 -19.85 32.87
C HIS A 59 6.70 -20.57 33.92
N GLY A 60 6.65 -20.09 35.16
CA GLY A 60 7.36 -20.75 36.24
C GLY A 60 8.86 -20.55 36.25
N THR A 61 9.41 -19.73 35.36
CA THR A 61 10.83 -19.39 35.36
C THR A 61 11.01 -17.98 35.91
N VAL A 62 11.98 -17.80 36.79
CA VAL A 62 12.25 -16.48 37.35
C VAL A 62 12.99 -15.64 36.32
N VAL A 63 12.51 -14.43 36.08
CA VAL A 63 13.13 -13.51 35.13
C VAL A 63 13.95 -12.50 35.92
N THR A 64 15.23 -12.37 35.58
CA THR A 64 16.11 -11.42 36.21
C THR A 64 16.78 -10.54 35.17
N VAL A 65 17.42 -9.49 35.65
CA VAL A 65 18.31 -8.66 34.84
C VAL A 65 19.66 -9.33 34.80
N LYS A 66 20.11 -9.71 33.59
CA LYS A 66 21.40 -10.42 33.47
C LYS A 66 22.59 -9.52 33.84
N ARG A 67 22.70 -8.35 33.25
CA ARG A 67 23.80 -7.43 33.51
C ARG A 67 23.38 -6.07 32.99
N VAL A 68 24.10 -5.04 33.40
CA VAL A 68 23.78 -3.67 33.02
C VAL A 68 25.04 -2.94 32.59
N GLU A 69 24.84 -1.76 32.03
CA GLU A 69 25.90 -0.96 31.44
C GLU A 69 25.34 0.44 31.25
N LYS A 70 26.02 1.46 31.77
CA LYS A 70 25.57 2.82 31.59
C LYS A 70 26.17 3.34 30.29
N VAL A 71 25.36 3.97 29.45
CA VAL A 71 25.82 4.37 28.13
C VAL A 71 25.38 5.80 27.83
N GLN A 72 26.18 6.46 26.98
CA GLN A 72 25.88 7.78 26.44
C GLN A 72 25.27 7.67 25.06
N LYS A 73 24.14 8.30 24.87
CA LYS A 73 23.47 8.35 23.58
C LYS A 73 23.00 9.78 23.37
N LYS A 74 22.44 10.02 22.19
CA LYS A 74 21.77 11.25 21.84
C LYS A 74 20.27 11.01 21.83
N PHE A 75 19.52 11.99 22.33
CA PHE A 75 18.07 11.97 22.21
C PHE A 75 17.66 13.28 21.58
N LEU A 76 17.12 13.20 20.36
CA LEU A 76 16.88 14.38 19.51
C LEU A 76 18.11 15.28 19.45
N GLY A 77 19.28 14.64 19.30
CA GLY A 77 20.51 15.34 19.10
C GLY A 77 21.22 15.75 20.38
N ARG A 78 20.51 15.73 21.53
CA ARG A 78 21.10 16.22 22.76
C ARG A 78 21.72 15.06 23.53
N PRO A 79 22.77 15.28 24.30
CA PRO A 79 23.38 14.16 25.01
C PRO A 79 22.51 13.69 26.15
N VAL A 80 22.43 12.36 26.30
CA VAL A 80 21.72 11.75 27.41
C VAL A 80 22.44 10.48 27.89
N GLU A 81 22.21 10.12 29.15
CA GLU A 81 22.86 8.97 29.76
C GLU A 81 21.77 8.01 30.22
N VAL A 82 21.84 6.77 29.77
CA VAL A 82 20.82 5.80 30.12
C VAL A 82 21.52 4.49 30.49
N TRP A 83 20.76 3.63 31.16
CA TRP A 83 21.27 2.31 31.56
C TRP A 83 20.73 1.28 30.59
N LYS A 84 21.63 0.53 29.98
CA LYS A 84 21.24 -0.53 29.08
C LYS A 84 21.06 -1.81 29.91
N LEU A 85 19.84 -2.34 29.95
CA LEU A 85 19.52 -3.51 30.76
C LEU A 85 19.49 -4.75 29.87
N TYR A 86 20.34 -5.72 30.17
CA TYR A 86 20.46 -6.93 29.36
C TYR A 86 19.68 -8.08 30.02
N PHE A 87 19.20 -9.02 29.20
CA PHE A 87 18.41 -10.16 29.66
C PHE A 87 18.88 -11.45 28.98
N THR A 88 18.51 -12.59 29.56
CA THR A 88 18.86 -13.87 29.00
C THR A 88 18.03 -14.20 27.76
N HIS A 89 16.73 -13.95 27.79
CA HIS A 89 15.83 -14.44 26.73
C HIS A 89 14.85 -13.34 26.34
N PRO A 90 14.56 -13.18 25.04
CA PRO A 90 13.65 -12.09 24.62
C PRO A 90 12.29 -12.11 25.30
N GLN A 91 11.74 -13.28 25.66
CA GLN A 91 10.48 -13.26 26.38
C GLN A 91 10.62 -12.79 27.81
N ASP A 92 11.83 -12.56 28.32
CA ASP A 92 11.98 -11.84 29.57
C ASP A 92 11.53 -10.37 29.46
N VAL A 93 11.66 -9.78 28.28
CA VAL A 93 11.46 -8.34 28.10
C VAL A 93 10.00 -8.00 28.41
N PRO A 94 9.01 -8.63 27.77
CA PRO A 94 7.63 -8.33 28.12
C PRO A 94 7.25 -8.78 29.53
N ALA A 95 7.94 -9.76 30.09
CA ALA A 95 7.60 -10.16 31.45
C ALA A 95 8.02 -9.12 32.49
N ILE A 96 9.06 -8.35 32.22
CA ILE A 96 9.64 -7.51 33.27
C ILE A 96 9.58 -6.02 32.95
N ARG A 97 9.33 -5.61 31.72
CA ARG A 97 9.60 -4.22 31.38
C ARG A 97 8.66 -3.27 32.11
N ASP A 98 7.39 -3.65 32.26
CA ASP A 98 6.45 -2.79 32.98
C ASP A 98 6.88 -2.61 34.43
N LYS A 99 7.40 -3.67 35.05
CA LYS A 99 7.78 -3.54 36.45
C LYS A 99 8.98 -2.63 36.60
N ILE A 100 9.86 -2.61 35.61
CA ILE A 100 11.00 -1.71 35.67
C ILE A 100 10.57 -0.27 35.46
N ARG A 101 9.69 -0.03 34.47
CA ARG A 101 9.15 1.31 34.29
C ARG A 101 8.43 1.80 35.55
N GLU A 102 7.62 0.94 36.18
CA GLU A 102 6.85 1.37 37.35
C GLU A 102 7.74 1.72 38.54
N HIS A 103 8.97 1.28 38.55
CA HIS A 103 9.83 1.63 39.68
C HIS A 103 9.96 3.15 39.79
N PRO A 104 9.96 3.70 41.01
CA PRO A 104 9.92 5.16 41.16
C PRO A 104 11.19 5.88 40.73
N ALA A 105 12.34 5.24 40.74
CA ALA A 105 13.55 5.90 40.25
C ALA A 105 13.70 5.77 38.74
N VAL A 106 12.82 5.02 38.07
CA VAL A 106 12.83 4.91 36.62
C VAL A 106 11.91 5.97 36.04
N ILE A 107 12.51 6.96 35.39
CA ILE A 107 11.72 7.95 34.68
C ILE A 107 10.98 7.31 33.50
N ASP A 108 11.69 6.53 32.69
CA ASP A 108 11.09 5.86 31.55
C ASP A 108 12.06 4.82 31.02
N ILE A 109 11.54 3.92 30.19
CA ILE A 109 12.30 2.91 29.46
C ILE A 109 12.14 3.19 27.97
N TYR A 110 13.06 2.65 27.17
CA TYR A 110 13.13 2.94 25.76
C TYR A 110 13.55 1.70 25.01
N GLU A 111 13.08 1.60 23.77
CA GLU A 111 13.45 0.53 22.84
C GLU A 111 13.19 -0.85 23.46
N TYR A 112 11.95 -1.05 23.92
CA TYR A 112 11.58 -2.23 24.69
C TYR A 112 10.56 -3.08 23.96
N ASP A 113 10.24 -2.73 22.71
CA ASP A 113 9.20 -3.37 21.92
C ASP A 113 9.73 -3.64 20.52
N ILE A 114 10.98 -4.10 20.44
CA ILE A 114 11.65 -4.39 19.18
C ILE A 114 11.82 -5.90 19.10
N PRO A 115 11.10 -6.57 18.20
CA PRO A 115 11.26 -8.02 18.08
C PRO A 115 12.74 -8.38 17.98
N PHE A 116 13.12 -9.35 18.79
CA PHE A 116 14.52 -9.76 18.95
C PHE A 116 15.22 -10.05 17.64
N ALA A 117 14.58 -10.80 16.73
CA ALA A 117 15.29 -11.11 15.50
C ALA A 117 15.48 -9.88 14.63
N LYS A 118 14.61 -8.88 14.75
CA LYS A 118 14.81 -7.63 14.02
C LYS A 118 15.83 -6.72 14.70
N ARG A 119 15.81 -6.68 16.03
CA ARG A 119 16.89 -6.08 16.80
C ARG A 119 18.23 -6.63 16.35
N TYR A 120 18.32 -7.95 16.23
CA TYR A 120 19.53 -8.59 15.74
C TYR A 120 19.94 -8.07 14.36
N LEU A 121 19.01 -8.01 13.41
CA LEU A 121 19.38 -7.51 12.09
C LEU A 121 19.96 -6.10 12.16
N ILE A 122 19.32 -5.22 12.92
CA ILE A 122 19.79 -3.83 13.02
C ILE A 122 21.14 -3.76 13.69
N ASP A 123 21.25 -4.36 14.88
CA ASP A 123 22.46 -4.14 15.65
C ASP A 123 23.65 -4.81 15.00
N LYS A 124 23.44 -5.85 14.20
CA LYS A 124 24.53 -6.51 13.51
C LYS A 124 24.83 -5.88 12.16
N GLY A 125 24.03 -4.93 11.72
CA GLY A 125 24.31 -4.28 10.46
C GLY A 125 23.92 -5.12 9.28
N LEU A 126 23.07 -6.12 9.48
CA LEU A 126 22.73 -7.07 8.45
C LEU A 126 21.52 -6.59 7.69
N VAL A 127 21.53 -6.84 6.38
CA VAL A 127 20.55 -6.30 5.46
C VAL A 127 19.97 -7.41 4.58
N PRO A 128 18.70 -7.71 4.67
CA PRO A 128 18.12 -8.77 3.84
C PRO A 128 18.11 -8.39 2.36
N MET A 129 18.16 -9.41 1.52
CA MET A 129 17.98 -9.28 0.07
C MET A 129 19.10 -8.51 -0.59
N GLU A 130 20.29 -8.51 0.00
CA GLU A 130 21.42 -7.90 -0.68
C GLU A 130 22.03 -8.95 -1.60
N GLY A 131 22.44 -8.54 -2.79
CA GLY A 131 23.10 -9.42 -3.72
C GLY A 131 22.24 -9.67 -4.95
N ASP A 132 22.79 -10.50 -5.82
CA ASP A 132 22.13 -10.83 -7.07
C ASP A 132 21.63 -12.27 -7.10
N GLU A 133 21.76 -12.98 -5.98
CA GLU A 133 21.23 -14.34 -5.84
C GLU A 133 19.85 -14.46 -6.50
N GLU A 134 19.68 -15.51 -7.28
CA GLU A 134 18.38 -15.75 -7.91
C GLU A 134 17.57 -16.70 -7.03
N LEU A 135 16.38 -16.28 -6.65
CA LEU A 135 15.54 -17.07 -5.80
C LEU A 135 14.64 -17.99 -6.65
N LYS A 136 14.34 -19.15 -6.10
CA LYS A 136 13.45 -20.11 -6.71
C LYS A 136 12.05 -19.91 -6.15
N MET A 137 11.09 -19.76 -7.04
CA MET A 137 9.73 -19.41 -6.68
C MET A 137 8.76 -20.46 -7.18
N LEU A 138 7.62 -20.52 -6.51
CA LEU A 138 6.57 -21.49 -6.77
C LEU A 138 5.25 -20.88 -6.29
N ALA A 139 4.32 -20.73 -7.21
CA ALA A 139 2.98 -20.26 -6.90
C ALA A 139 2.08 -21.45 -6.63
N PHE A 140 1.08 -21.25 -5.79
CA PHE A 140 0.08 -22.28 -5.67
C PHE A 140 -1.26 -21.69 -5.33
N ALA A 141 -2.31 -22.48 -5.60
CA ALA A 141 -3.70 -22.10 -5.41
C ALA A 141 -4.50 -23.37 -5.15
N ILE A 142 -5.68 -23.21 -4.56
CA ILE A 142 -6.54 -24.35 -4.27
C ILE A 142 -7.95 -24.10 -4.78
N ALA A 143 -8.68 -25.18 -5.00
CA ALA A 143 -10.10 -25.08 -5.30
C ALA A 143 -10.82 -25.97 -4.30
N THR A 144 -11.94 -25.48 -3.76
CA THR A 144 -12.62 -26.17 -2.68
C THR A 144 -14.09 -26.35 -2.96
N LEU A 145 -14.70 -27.26 -2.18
CA LEU A 145 -16.11 -27.59 -2.30
C LEU A 145 -16.88 -26.71 -1.32
N TYR A 146 -17.60 -25.72 -1.83
CA TYR A 146 -18.24 -24.72 -0.99
C TYR A 146 -19.74 -24.91 -1.04
N HIS A 147 -20.39 -24.89 0.14
CA HIS A 147 -21.83 -24.79 0.29
C HIS A 147 -22.13 -23.71 1.32
N GLU A 148 -23.23 -22.99 1.09
CA GLU A 148 -23.33 -21.62 1.55
C GLU A 148 -23.14 -21.50 3.05
N GLY A 149 -24.00 -22.15 3.82
CA GLY A 149 -24.01 -21.87 5.25
C GLY A 149 -23.21 -22.85 6.08
N GLU A 150 -22.00 -23.14 5.66
CA GLU A 150 -21.20 -24.14 6.33
C GLU A 150 -20.11 -23.45 7.11
N GLU A 151 -19.55 -24.17 8.07
CA GLU A 151 -18.37 -23.68 8.74
C GLU A 151 -17.22 -23.63 7.74
N PHE A 152 -16.25 -22.77 8.04
CA PHE A 152 -15.08 -22.65 7.19
C PHE A 152 -14.41 -24.00 7.02
N ALA A 153 -14.20 -24.37 5.77
CA ALA A 153 -13.46 -25.57 5.42
C ALA A 153 -14.17 -26.85 5.85
N GLU A 154 -15.49 -26.81 5.99
CA GLU A 154 -16.20 -28.06 6.24
C GLU A 154 -16.08 -28.97 5.03
N GLY A 155 -15.91 -28.41 3.85
CA GLY A 155 -15.77 -29.18 2.66
C GLY A 155 -14.34 -29.47 2.30
N PRO A 156 -14.13 -30.50 1.50
CA PRO A 156 -12.78 -30.84 1.07
C PRO A 156 -12.18 -29.83 0.11
N ILE A 157 -10.85 -29.80 0.11
CA ILE A 157 -10.11 -29.29 -1.03
C ILE A 157 -10.30 -30.27 -2.19
N LEU A 158 -10.58 -29.74 -3.37
CA LEU A 158 -10.83 -30.49 -4.59
C LEU A 158 -9.59 -30.58 -5.47
N MET A 159 -8.86 -29.48 -5.58
CA MET A 159 -7.70 -29.40 -6.44
C MET A 159 -6.68 -28.51 -5.77
N ILE A 160 -5.41 -28.84 -5.96
CA ILE A 160 -4.32 -27.95 -5.61
C ILE A 160 -3.50 -27.75 -6.87
N SER A 161 -3.24 -26.50 -7.23
CA SER A 161 -2.50 -26.20 -8.44
C SER A 161 -1.23 -25.44 -8.08
N TYR A 162 -0.22 -25.53 -8.96
CA TYR A 162 1.07 -24.91 -8.68
C TYR A 162 1.74 -24.59 -10.01
N ALA A 163 2.65 -23.63 -9.99
CA ALA A 163 3.30 -23.21 -11.22
C ALA A 163 4.66 -22.59 -10.91
N ASP A 164 5.60 -22.80 -11.84
CA ASP A 164 6.91 -22.21 -11.73
C ASP A 164 7.46 -22.12 -13.14
N GLU A 165 8.76 -21.91 -13.28
CA GLU A 165 9.33 -21.79 -14.60
C GLU A 165 9.05 -22.99 -15.50
N GLU A 166 8.72 -24.14 -14.93
CA GLU A 166 8.49 -25.35 -15.71
C GLU A 166 7.07 -25.49 -16.19
N GLY A 167 6.17 -24.61 -15.79
CA GLY A 167 4.77 -24.70 -16.13
C GLY A 167 3.89 -24.93 -14.93
N ALA A 168 2.66 -25.34 -15.19
CA ALA A 168 1.63 -25.35 -14.19
C ALA A 168 0.97 -26.71 -14.22
N ARG A 169 0.67 -27.25 -13.06
CA ARG A 169 -0.03 -28.53 -12.94
C ARG A 169 -1.12 -28.43 -11.88
N VAL A 170 -2.02 -29.42 -11.93
CA VAL A 170 -3.16 -29.52 -11.02
C VAL A 170 -3.18 -30.93 -10.46
N ILE A 171 -3.26 -31.06 -9.13
CA ILE A 171 -3.47 -32.33 -8.46
C ILE A 171 -4.92 -32.38 -8.01
N THR A 172 -5.61 -33.48 -8.35
CA THR A 172 -7.00 -33.64 -7.93
C THR A 172 -7.29 -35.12 -7.69
N TRP A 173 -8.43 -35.40 -7.07
CA TRP A 173 -8.77 -36.78 -6.74
C TRP A 173 -10.07 -37.21 -7.42
N LYS A 174 -10.42 -36.58 -8.54
CA LYS A 174 -11.26 -37.16 -9.55
C LYS A 174 -10.52 -37.18 -10.89
N ASN A 175 -11.02 -38.01 -11.79
CA ASN A 175 -10.42 -38.18 -13.10
C ASN A 175 -10.75 -36.99 -13.98
N VAL A 176 -9.72 -36.30 -14.47
CA VAL A 176 -9.91 -35.23 -15.42
C VAL A 176 -8.96 -35.46 -16.60
N ASP A 177 -9.50 -35.36 -17.81
CA ASP A 177 -8.71 -35.70 -18.99
C ASP A 177 -8.02 -34.45 -19.53
N LEU A 178 -6.98 -34.01 -18.83
CA LEU A 178 -6.11 -32.92 -19.26
C LEU A 178 -4.67 -33.29 -18.98
N PRO A 179 -3.74 -32.92 -19.87
CA PRO A 179 -2.36 -33.38 -19.75
C PRO A 179 -1.64 -32.83 -18.53
N TYR A 180 -2.07 -31.72 -17.96
CA TYR A 180 -1.40 -31.13 -16.81
C TYR A 180 -2.04 -31.48 -15.48
N VAL A 181 -3.00 -32.41 -15.47
CA VAL A 181 -3.69 -32.82 -14.24
C VAL A 181 -3.12 -34.14 -13.79
N ASP A 182 -2.69 -34.20 -12.54
CA ASP A 182 -2.25 -35.41 -11.90
C ASP A 182 -3.36 -35.91 -10.99
N VAL A 183 -3.72 -37.19 -11.14
CA VAL A 183 -4.86 -37.76 -10.44
C VAL A 183 -4.35 -38.68 -9.36
N VAL A 184 -4.86 -38.45 -8.16
CA VAL A 184 -4.66 -39.29 -7.00
C VAL A 184 -6.01 -39.78 -6.53
N SER A 185 -6.05 -40.55 -5.43
CA SER A 185 -7.25 -41.24 -5.05
C SER A 185 -8.13 -40.47 -4.07
N THR A 186 -7.53 -39.63 -3.22
CA THR A 186 -8.27 -38.99 -2.15
C THR A 186 -7.72 -37.58 -1.93
N GLU A 187 -8.50 -36.81 -1.18
CA GLU A 187 -8.05 -35.50 -0.72
C GLU A 187 -6.73 -35.59 0.05
N ARG A 188 -6.64 -36.55 0.96
CA ARG A 188 -5.41 -36.72 1.73
C ARG A 188 -4.20 -36.97 0.81
N GLU A 189 -4.33 -37.93 -0.13
CA GLU A 189 -3.21 -38.21 -1.03
C GLU A 189 -2.82 -36.97 -1.84
N MET A 190 -3.81 -36.15 -2.22
CA MET A 190 -3.57 -34.92 -2.97
C MET A 190 -2.73 -33.91 -2.17
N ILE A 191 -3.15 -33.64 -0.93
CA ILE A 191 -2.38 -32.75 -0.06
C ILE A 191 -0.97 -33.29 0.16
N LYS A 192 -0.83 -34.61 0.36
CA LYS A 192 0.49 -35.16 0.59
C LYS A 192 1.35 -35.05 -0.65
N ARG A 193 0.74 -35.22 -1.83
CA ARG A 193 1.45 -35.03 -3.08
C ARG A 193 1.96 -33.60 -3.21
N PHE A 194 1.13 -32.63 -2.86
CA PHE A 194 1.54 -31.24 -2.96
C PHE A 194 2.71 -30.96 -2.03
N LEU A 195 2.63 -31.47 -0.80
CA LEU A 195 3.71 -31.30 0.15
C LEU A 195 5.01 -31.90 -0.39
N ARG A 196 4.91 -33.04 -1.07
CA ARG A 196 6.08 -33.65 -1.70
C ARG A 196 6.60 -32.79 -2.84
N VAL A 197 5.69 -32.21 -3.62
CA VAL A 197 6.12 -31.31 -4.69
C VAL A 197 6.94 -30.17 -4.10
N VAL A 198 6.40 -29.51 -3.08
CA VAL A 198 7.12 -28.39 -2.47
C VAL A 198 8.49 -28.83 -1.98
N LYS A 199 8.55 -29.90 -1.17
CA LYS A 199 9.81 -30.36 -0.61
C LYS A 199 10.81 -30.68 -1.69
N GLU A 200 10.38 -31.31 -2.79
CA GLU A 200 11.34 -31.64 -3.85
C GLU A 200 11.77 -30.38 -4.59
N LYS A 201 10.83 -29.50 -4.93
CA LYS A 201 11.18 -28.31 -5.67
C LYS A 201 12.02 -27.36 -4.82
N ASP A 202 11.83 -27.41 -3.49
CA ASP A 202 12.57 -26.60 -2.52
C ASP A 202 12.60 -25.12 -2.88
N PRO A 203 11.45 -24.49 -3.10
CA PRO A 203 11.45 -23.08 -3.45
C PRO A 203 11.84 -22.20 -2.28
N ASP A 204 12.48 -21.08 -2.62
CA ASP A 204 12.73 -20.00 -1.66
C ASP A 204 11.49 -19.17 -1.39
N VAL A 205 10.61 -19.02 -2.36
CA VAL A 205 9.42 -18.20 -2.26
C VAL A 205 8.19 -19.02 -2.64
N LEU A 206 7.20 -19.05 -1.75
CA LEU A 206 5.87 -19.55 -2.06
C LEU A 206 4.99 -18.35 -2.30
N ILE A 207 4.41 -18.29 -3.50
CA ILE A 207 3.60 -17.18 -3.95
C ILE A 207 2.14 -17.60 -3.87
N THR A 208 1.34 -16.81 -3.17
CA THR A 208 -0.12 -16.96 -3.18
C THR A 208 -0.79 -15.66 -3.55
N TYR A 209 -2.10 -15.72 -3.75
CA TYR A 209 -2.95 -14.55 -3.81
C TYR A 209 -4.02 -14.66 -2.72
N ASN A 210 -3.83 -13.95 -1.62
CA ASN A 210 -4.67 -14.02 -0.42
C ASN A 210 -4.47 -15.31 0.36
N GLY A 211 -3.34 -15.97 0.21
CA GLY A 211 -3.02 -17.11 1.04
C GLY A 211 -2.89 -16.79 2.51
N ASP A 212 -2.60 -15.55 2.85
CA ASP A 212 -2.62 -15.16 4.26
C ASP A 212 -3.96 -15.40 4.91
N ASN A 213 -5.04 -15.30 4.15
CA ASN A 213 -6.36 -15.34 4.73
C ASN A 213 -7.26 -16.44 4.21
N PHE A 214 -6.87 -17.17 3.18
CA PHE A 214 -7.69 -18.29 2.76
C PHE A 214 -6.85 -19.56 2.66
N ASP A 215 -5.88 -19.61 1.76
CA ASP A 215 -5.35 -20.91 1.36
C ASP A 215 -4.73 -21.66 2.55
N PHE A 216 -3.92 -20.98 3.37
CA PHE A 216 -3.19 -21.73 4.39
C PHE A 216 -4.13 -22.14 5.51
N ALA A 217 -5.11 -21.29 5.83
CA ALA A 217 -6.04 -21.65 6.88
C ALA A 217 -6.88 -22.85 6.46
N TYR A 218 -7.25 -22.89 5.19
CA TYR A 218 -7.98 -24.03 4.65
C TYR A 218 -7.15 -25.30 4.76
N LEU A 219 -5.91 -25.25 4.28
CA LEU A 219 -5.04 -26.42 4.33
C LEU A 219 -4.83 -26.88 5.76
N LYS A 220 -4.66 -25.93 6.68
CA LYS A 220 -4.46 -26.30 8.08
C LYS A 220 -5.67 -27.04 8.63
N LYS A 221 -6.88 -26.59 8.31
CA LYS A 221 -8.06 -27.23 8.88
C LYS A 221 -8.23 -28.63 8.31
N ARG A 222 -7.99 -28.78 7.00
CA ARG A 222 -8.09 -30.09 6.38
C ARG A 222 -6.99 -31.01 6.88
N CYS A 223 -5.78 -30.50 7.06
CA CYS A 223 -4.71 -31.35 7.60
C CYS A 223 -5.03 -31.80 9.01
N GLU A 224 -5.64 -30.92 9.82
CA GLU A 224 -6.13 -31.38 11.12
C GLU A 224 -7.15 -32.50 10.97
N LYS A 225 -8.11 -32.33 10.06
CA LYS A 225 -9.15 -33.33 9.98
C LYS A 225 -8.60 -34.65 9.46
N LEU A 226 -7.68 -34.61 8.49
CA LEU A 226 -7.21 -35.80 7.84
C LEU A 226 -5.93 -36.41 8.43
N GLY A 227 -5.35 -35.83 9.49
CA GLY A 227 -4.15 -36.41 10.08
C GLY A 227 -2.93 -36.33 9.19
N ILE A 228 -2.56 -35.11 8.84
CA ILE A 228 -1.44 -34.81 7.99
C ILE A 228 -0.55 -33.82 8.70
N ASN A 229 0.73 -34.16 8.83
CA ASN A 229 1.75 -33.21 9.27
C ASN A 229 2.10 -32.34 8.08
N PHE A 230 1.64 -31.08 8.05
CA PHE A 230 1.79 -30.30 6.82
C PHE A 230 3.11 -29.53 6.83
N ALA A 231 4.19 -30.24 6.52
CA ALA A 231 5.53 -29.83 6.95
C ALA A 231 6.26 -29.03 5.85
N LEU A 232 5.72 -27.84 5.57
CA LEU A 232 6.25 -27.03 4.47
C LEU A 232 7.51 -26.27 4.82
N GLY A 233 7.77 -26.03 6.10
CA GLY A 233 8.96 -25.28 6.45
C GLY A 233 10.21 -26.07 6.09
N ARG A 234 11.30 -25.34 5.81
CA ARG A 234 12.54 -26.03 5.50
C ARG A 234 13.17 -26.69 6.73
N ASP A 235 12.78 -26.30 7.94
CA ASP A 235 13.12 -27.02 9.16
C ASP A 235 12.06 -28.06 9.54
N GLY A 236 11.09 -28.34 8.68
CA GLY A 236 10.09 -29.34 8.98
C GLY A 236 8.88 -28.84 9.73
N SER A 237 8.79 -27.53 10.00
CA SER A 237 7.67 -26.96 10.72
C SER A 237 6.49 -26.80 9.80
N GLU A 238 5.32 -26.69 10.39
CA GLU A 238 4.14 -26.37 9.61
C GLU A 238 4.01 -24.86 9.44
N PRO A 239 3.16 -24.41 8.51
CA PRO A 239 2.94 -22.97 8.36
C PRO A 239 2.46 -22.37 9.66
N LYS A 240 2.92 -21.17 9.93
CA LYS A 240 2.65 -20.49 11.18
C LYS A 240 1.66 -19.37 10.88
N ILE A 241 0.45 -19.51 11.41
CA ILE A 241 -0.63 -18.57 11.17
C ILE A 241 -0.70 -17.64 12.36
N GLN A 242 -0.50 -16.35 12.13
CA GLN A 242 -0.57 -15.39 13.24
C GLN A 242 -1.55 -14.28 12.92
N ARG A 243 -2.13 -13.73 13.97
CA ARG A 243 -3.04 -12.60 13.82
C ARG A 243 -2.23 -11.32 13.88
N MET A 244 -2.42 -10.47 12.88
CA MET A 244 -1.88 -9.10 12.88
C MET A 244 -3.07 -8.15 12.81
N GLY A 245 -3.50 -7.65 13.96
CA GLY A 245 -4.68 -6.82 13.99
C GLY A 245 -5.89 -7.56 13.48
N ASP A 246 -6.60 -6.94 12.54
CA ASP A 246 -7.84 -7.51 12.02
C ASP A 246 -7.61 -8.52 10.90
N ARG A 247 -6.36 -8.79 10.56
CA ARG A 247 -6.01 -9.69 9.48
C ARG A 247 -5.17 -10.83 10.04
N PHE A 248 -5.00 -11.84 9.22
CA PHE A 248 -4.05 -12.90 9.46
C PHE A 248 -2.88 -12.77 8.48
N ALA A 249 -1.74 -13.36 8.88
CA ALA A 249 -0.61 -13.52 7.99
C ALA A 249 0.07 -14.84 8.28
N VAL A 250 0.68 -15.44 7.26
CA VAL A 250 1.24 -16.78 7.35
C VAL A 250 2.71 -16.82 7.01
N GLU A 251 3.51 -17.38 7.90
CA GLU A 251 4.92 -17.66 7.65
C GLU A 251 5.15 -19.12 7.31
N VAL A 252 6.12 -19.37 6.45
CA VAL A 252 6.67 -20.68 6.19
C VAL A 252 8.16 -20.59 6.44
N LYS A 253 8.63 -21.21 7.51
CA LYS A 253 9.99 -21.00 7.97
C LYS A 253 11.02 -21.48 6.95
N GLY A 254 12.08 -20.68 6.80
CA GLY A 254 13.09 -20.96 5.81
C GLY A 254 12.73 -20.46 4.43
N ARG A 255 11.48 -20.12 4.20
CA ARG A 255 11.04 -19.62 2.92
C ARG A 255 10.41 -18.26 3.13
N ILE A 256 10.06 -17.65 2.01
CA ILE A 256 9.34 -16.40 2.01
C ILE A 256 7.94 -16.72 1.46
N HIS A 257 6.92 -16.66 2.30
CA HIS A 257 5.56 -16.65 1.81
C HIS A 257 5.21 -15.24 1.30
N PHE A 258 5.15 -15.11 0.01
CA PHE A 258 4.89 -13.83 -0.65
C PHE A 258 3.44 -13.83 -1.07
N ASP A 259 2.59 -13.16 -0.28
CA ASP A 259 1.18 -13.03 -0.58
C ASP A 259 1.00 -11.74 -1.41
N LEU A 260 0.68 -11.93 -2.70
CA LEU A 260 0.57 -10.82 -3.62
C LEU A 260 -0.53 -9.85 -3.25
N TYR A 261 -1.52 -10.26 -2.47
CA TYR A 261 -2.70 -9.40 -2.32
C TYR A 261 -2.35 -8.10 -1.59
N PRO A 262 -1.71 -8.12 -0.43
CA PRO A 262 -1.36 -6.82 0.20
C PRO A 262 -0.40 -6.02 -0.65
N VAL A 263 0.45 -6.67 -1.45
CA VAL A 263 1.38 -5.94 -2.30
C VAL A 263 0.64 -5.20 -3.39
N ILE A 264 -0.19 -5.92 -4.12
CA ILE A 264 -0.90 -5.30 -5.24
C ILE A 264 -1.82 -4.20 -4.73
N ARG A 265 -2.41 -4.43 -3.58
CA ARG A 265 -3.25 -3.42 -2.93
C ARG A 265 -2.51 -2.11 -2.67
N ARG A 266 -1.25 -2.17 -2.26
CA ARG A 266 -0.48 -0.93 -2.06
C ARG A 266 -0.05 -0.29 -3.36
N THR A 267 0.11 -1.09 -4.40
CA THR A 267 0.89 -0.71 -5.57
C THR A 267 0.02 -0.12 -6.65
N ILE A 268 -1.15 -0.72 -6.89
CA ILE A 268 -2.04 -0.26 -7.93
C ILE A 268 -3.41 -0.02 -7.35
N ASN A 269 -4.07 1.02 -7.88
CA ASN A 269 -5.43 1.35 -7.51
C ASN A 269 -6.34 0.79 -8.58
N LEU A 270 -7.08 -0.28 -8.26
CA LEU A 270 -8.08 -0.86 -9.15
C LEU A 270 -9.45 -0.84 -8.49
N PRO A 271 -10.53 -0.91 -9.27
CA PRO A 271 -11.86 -0.88 -8.64
C PRO A 271 -12.12 -2.12 -7.81
N THR A 272 -11.67 -3.29 -8.26
CA THR A 272 -11.77 -4.55 -7.54
C THR A 272 -10.45 -5.25 -7.67
N TYR A 273 -10.13 -6.06 -6.66
CA TYR A 273 -8.87 -6.79 -6.65
C TYR A 273 -9.12 -8.29 -6.78
N THR A 274 -10.12 -8.70 -7.55
CA THR A 274 -10.15 -10.09 -7.95
C THR A 274 -8.87 -10.43 -8.70
N LEU A 275 -8.46 -11.70 -8.58
CA LEU A 275 -7.29 -12.16 -9.29
C LEU A 275 -7.43 -11.90 -10.78
N GLU A 276 -8.64 -12.07 -11.31
CA GLU A 276 -8.88 -11.84 -12.74
C GLU A 276 -8.68 -10.38 -13.09
N ALA A 277 -9.21 -9.47 -12.28
CA ALA A 277 -9.06 -8.04 -12.53
C ALA A 277 -7.59 -7.64 -12.52
N VAL A 278 -6.84 -8.18 -11.59
CA VAL A 278 -5.45 -7.78 -11.41
C VAL A 278 -4.61 -8.28 -12.58
N TYR A 279 -4.80 -9.53 -12.97
CA TYR A 279 -4.05 -10.08 -14.09
C TYR A 279 -4.30 -9.25 -15.34
N GLU A 280 -5.55 -8.94 -15.61
CA GLU A 280 -5.86 -8.20 -16.81
C GLU A 280 -5.24 -6.82 -16.77
N ALA A 281 -5.22 -6.18 -15.60
CA ALA A 281 -4.72 -4.82 -15.53
C ALA A 281 -3.22 -4.77 -15.68
N VAL A 282 -2.53 -5.78 -15.17
CA VAL A 282 -1.06 -5.79 -15.24
C VAL A 282 -0.60 -6.26 -16.61
N PHE A 283 -1.22 -7.31 -17.17
CA PHE A 283 -0.68 -7.96 -18.35
C PHE A 283 -1.51 -7.75 -19.60
N GLY A 284 -2.74 -7.28 -19.47
CA GLY A 284 -3.54 -6.96 -20.61
C GLY A 284 -4.25 -8.09 -21.31
N GLN A 285 -4.45 -9.23 -20.64
CA GLN A 285 -5.21 -10.34 -21.21
C GLN A 285 -6.33 -10.72 -20.26
N PRO A 286 -7.47 -11.17 -20.78
CA PRO A 286 -8.55 -11.61 -19.90
C PRO A 286 -8.17 -12.85 -19.13
N LYS A 287 -8.85 -13.05 -18.00
CA LYS A 287 -8.82 -14.32 -17.29
C LYS A 287 -10.27 -14.60 -16.92
N GLU A 288 -10.74 -15.79 -17.29
CA GLU A 288 -12.12 -16.14 -17.01
C GLU A 288 -12.26 -16.61 -15.57
N LYS A 289 -13.29 -16.13 -14.92
CA LYS A 289 -13.60 -16.53 -13.56
C LYS A 289 -14.55 -17.72 -13.59
N VAL A 290 -14.31 -18.72 -12.74
CA VAL A 290 -15.29 -19.77 -12.46
C VAL A 290 -15.74 -19.64 -11.01
N TYR A 291 -17.05 -19.59 -10.78
CA TYR A 291 -17.55 -19.31 -9.45
C TYR A 291 -17.68 -20.56 -8.59
N ALA A 292 -17.68 -20.33 -7.29
CA ALA A 292 -17.73 -21.43 -6.33
C ALA A 292 -18.89 -22.37 -6.60
N GLU A 293 -20.01 -21.82 -7.05
CA GLU A 293 -21.20 -22.64 -7.27
C GLU A 293 -20.99 -23.55 -8.46
N GLU A 294 -20.34 -23.05 -9.51
CA GLU A 294 -20.10 -23.90 -10.66
C GLU A 294 -19.09 -24.97 -10.32
N ILE A 295 -18.10 -24.61 -9.52
CA ILE A 295 -17.10 -25.59 -9.10
C ILE A 295 -17.78 -26.74 -8.37
N THR A 296 -18.62 -26.41 -7.41
CA THR A 296 -19.29 -27.43 -6.63
C THR A 296 -20.20 -28.26 -7.51
N THR A 297 -20.96 -27.60 -8.39
CA THR A 297 -21.80 -28.34 -9.32
C THR A 297 -20.97 -29.31 -10.16
N ALA A 298 -19.84 -28.83 -10.71
CA ALA A 298 -18.99 -29.67 -11.54
C ALA A 298 -18.51 -30.91 -10.77
N TRP A 299 -18.08 -30.71 -9.53
CA TRP A 299 -17.63 -31.83 -8.72
C TRP A 299 -18.76 -32.78 -8.38
N GLU A 300 -19.93 -32.26 -8.05
CA GLU A 300 -20.99 -33.14 -7.58
C GLU A 300 -21.56 -33.97 -8.71
N THR A 301 -21.57 -33.42 -9.93
CA THR A 301 -22.13 -34.13 -11.06
C THR A 301 -21.09 -34.86 -11.88
N GLY A 302 -19.81 -34.58 -11.66
CA GLY A 302 -18.77 -35.10 -12.52
C GLY A 302 -18.68 -34.44 -13.88
N GLU A 303 -19.52 -33.44 -14.16
CA GLU A 303 -19.60 -32.84 -15.48
C GLU A 303 -18.77 -31.58 -15.58
N ASN A 304 -18.02 -31.44 -16.66
CA ASN A 304 -17.33 -30.21 -16.98
C ASN A 304 -16.22 -29.91 -15.99
N LEU A 305 -15.62 -30.95 -15.44
CA LEU A 305 -14.51 -30.72 -14.54
C LEU A 305 -13.30 -30.16 -15.27
N GLU A 306 -13.26 -30.29 -16.59
CA GLU A 306 -12.12 -29.78 -17.33
C GLU A 306 -12.04 -28.26 -17.18
N ARG A 307 -13.20 -27.60 -17.18
CA ARG A 307 -13.26 -26.14 -17.01
C ARG A 307 -12.78 -25.73 -15.62
N VAL A 308 -13.14 -26.51 -14.61
CA VAL A 308 -12.67 -26.23 -13.25
C VAL A 308 -11.16 -26.40 -13.16
N ALA A 309 -10.65 -27.48 -13.74
CA ALA A 309 -9.21 -27.75 -13.66
C ALA A 309 -8.41 -26.70 -14.40
N ARG A 310 -8.90 -26.27 -15.56
CA ARG A 310 -8.22 -25.19 -16.28
C ARG A 310 -8.24 -23.89 -15.48
N TYR A 311 -9.39 -23.54 -14.90
CA TYR A 311 -9.43 -22.39 -14.00
C TYR A 311 -8.38 -22.50 -12.89
N SER A 312 -8.26 -23.70 -12.31
CA SER A 312 -7.33 -23.91 -11.22
C SER A 312 -5.91 -23.83 -11.72
N MET A 313 -5.64 -24.44 -12.86
CA MET A 313 -4.35 -24.27 -13.49
C MET A 313 -4.04 -22.80 -13.70
N GLU A 314 -5.01 -22.05 -14.24
CA GLU A 314 -4.76 -20.65 -14.55
C GLU A 314 -4.54 -19.81 -13.30
N ASP A 315 -5.21 -20.10 -12.21
CA ASP A 315 -4.93 -19.38 -10.97
C ASP A 315 -3.45 -19.49 -10.63
N ALA A 316 -2.91 -20.70 -10.72
CA ALA A 316 -1.53 -20.86 -10.31
C ALA A 316 -0.60 -20.17 -11.30
N LYS A 317 -0.86 -20.36 -12.59
CA LYS A 317 -0.04 -19.77 -13.63
C LYS A 317 0.03 -18.24 -13.50
N VAL A 318 -1.12 -17.58 -13.41
CA VAL A 318 -1.08 -16.13 -13.38
C VAL A 318 -0.54 -15.65 -12.06
N THR A 319 -0.70 -16.43 -10.98
CA THR A 319 -0.13 -16.03 -9.69
C THR A 319 1.39 -16.07 -9.74
N TYR A 320 1.93 -17.07 -10.43
CA TYR A 320 3.38 -17.10 -10.63
C TYR A 320 3.83 -15.90 -11.46
N GLU A 321 3.12 -15.59 -12.55
CA GLU A 321 3.55 -14.50 -13.43
C GLU A 321 3.52 -13.17 -12.68
N LEU A 322 2.49 -12.94 -11.85
CA LEU A 322 2.40 -11.74 -11.04
C LEU A 322 3.52 -11.69 -10.01
N GLY A 323 3.83 -12.85 -9.43
CA GLY A 323 4.90 -12.92 -8.45
C GLY A 323 6.23 -12.54 -9.07
N LYS A 324 6.48 -12.99 -10.29
CA LYS A 324 7.70 -12.62 -10.99
C LYS A 324 7.73 -11.13 -11.26
N GLU A 325 6.55 -10.55 -11.53
CA GLU A 325 6.50 -9.13 -11.87
C GLU A 325 6.69 -8.25 -10.63
N PHE A 326 6.15 -8.62 -9.47
CA PHE A 326 6.14 -7.72 -8.33
C PHE A 326 7.23 -8.01 -7.31
N LEU A 327 7.76 -9.22 -7.28
CA LEU A 327 8.72 -9.52 -6.22
C LEU A 327 10.03 -8.72 -6.30
N PRO A 328 10.64 -8.54 -7.47
CA PRO A 328 11.97 -7.88 -7.47
C PRO A 328 11.94 -6.49 -6.90
N MET A 329 10.86 -5.77 -7.18
CA MET A 329 10.65 -4.46 -6.61
C MET A 329 10.45 -4.52 -5.10
N GLU A 330 9.59 -5.44 -4.61
CA GLU A 330 9.43 -5.56 -3.16
C GLU A 330 10.74 -6.00 -2.51
N ALA A 331 11.55 -6.73 -3.25
CA ALA A 331 12.84 -7.11 -2.70
C ALA A 331 13.75 -5.90 -2.51
N GLN A 332 13.77 -4.98 -3.47
CA GLN A 332 14.63 -3.81 -3.32
C GLN A 332 14.09 -2.87 -2.25
N LEU A 333 12.77 -2.85 -2.05
CA LEU A 333 12.21 -2.10 -0.94
C LEU A 333 12.60 -2.70 0.40
N SER A 334 12.63 -4.04 0.49
CA SER A 334 13.05 -4.70 1.74
C SER A 334 14.49 -4.38 2.04
N ARG A 335 15.34 -4.48 1.03
CA ARG A 335 16.74 -4.12 1.18
C ARG A 335 16.90 -2.70 1.66
N LEU A 336 16.12 -1.76 1.09
CA LEU A 336 16.23 -0.36 1.46
C LEU A 336 15.76 -0.14 2.90
N ILE A 337 14.60 -0.67 3.28
CA ILE A 337 14.16 -0.53 4.67
C ILE A 337 15.08 -1.29 5.61
N GLY A 338 15.74 -2.33 5.13
CA GLY A 338 16.51 -3.19 6.01
C GLY A 338 15.73 -4.20 6.83
N GLN A 339 14.61 -4.71 6.33
CA GLN A 339 13.91 -5.78 7.01
C GLN A 339 13.44 -6.81 5.99
N SER A 340 12.92 -7.93 6.49
CA SER A 340 12.66 -9.08 5.64
C SER A 340 11.57 -8.77 4.63
N LEU A 341 11.61 -9.48 3.50
CA LEU A 341 10.58 -9.29 2.50
C LEU A 341 9.20 -9.68 3.04
N TRP A 342 9.16 -10.70 3.90
CA TRP A 342 7.90 -11.11 4.47
C TRP A 342 7.25 -9.95 5.22
N ASP A 343 8.01 -9.30 6.08
CA ASP A 343 7.45 -8.18 6.82
C ASP A 343 7.16 -6.99 5.90
N VAL A 344 8.13 -6.62 5.05
CA VAL A 344 8.02 -5.35 4.33
C VAL A 344 6.87 -5.40 3.35
N SER A 345 6.62 -6.57 2.74
CA SER A 345 5.54 -6.67 1.77
C SER A 345 4.18 -6.56 2.43
N ARG A 346 4.08 -6.76 3.76
CA ARG A 346 2.83 -6.65 4.49
C ARG A 346 2.70 -5.34 5.29
N SER A 347 3.62 -4.44 5.14
CA SER A 347 3.72 -3.35 6.09
C SER A 347 3.15 -2.05 5.52
N SER A 348 2.56 -1.26 6.42
CA SER A 348 2.06 0.06 6.09
C SER A 348 3.19 1.05 5.83
N THR A 349 2.86 2.12 5.13
CA THR A 349 3.82 3.18 4.82
C THR A 349 4.51 3.70 6.08
N GLY A 350 3.75 4.07 7.09
CA GLY A 350 4.36 4.61 8.28
C GLY A 350 5.33 3.64 8.93
N ASN A 351 5.06 2.35 8.80
CA ASN A 351 5.89 1.38 9.48
C ASN A 351 7.19 1.18 8.76
N LEU A 352 7.17 1.27 7.44
CA LEU A 352 8.40 1.23 6.68
C LEU A 352 9.31 2.40 7.09
N VAL A 353 8.77 3.62 7.16
CA VAL A 353 9.61 4.75 7.57
C VAL A 353 10.22 4.46 8.93
N GLU A 354 9.41 3.95 9.86
CA GLU A 354 9.89 3.84 11.23
C GLU A 354 11.00 2.82 11.31
N TRP A 355 10.91 1.74 10.51
CA TRP A 355 11.94 0.70 10.58
C TRP A 355 13.24 1.20 9.99
N PHE A 356 13.14 1.90 8.86
CA PHE A 356 14.30 2.63 8.33
C PHE A 356 14.88 3.56 9.39
N LEU A 357 14.04 4.36 10.05
CA LEU A 357 14.60 5.32 11.01
C LEU A 357 15.25 4.63 12.20
N LEU A 358 14.65 3.54 12.70
CA LEU A 358 15.21 2.82 13.84
C LEU A 358 16.61 2.31 13.56
N ARG A 359 16.83 1.78 12.35
CA ARG A 359 18.14 1.32 11.94
C ARG A 359 19.15 2.48 11.81
N LYS A 360 18.76 3.59 11.17
CA LYS A 360 19.68 4.73 11.13
C LYS A 360 19.91 5.32 12.50
N ALA A 361 18.90 5.28 13.38
CA ALA A 361 19.12 5.77 14.73
C ALA A 361 20.16 4.92 15.44
N TYR A 362 20.12 3.62 15.23
CA TYR A 362 21.14 2.77 15.84
C TYR A 362 22.54 3.14 15.33
N GLU A 363 22.65 3.34 14.03
CA GLU A 363 23.95 3.63 13.45
C GLU A 363 24.53 4.92 13.95
N ARG A 364 23.68 5.84 14.40
CA ARG A 364 24.12 7.18 14.79
C ARG A 364 24.07 7.39 16.28
N ASN A 365 23.83 6.34 17.05
CA ASN A 365 23.73 6.40 18.51
C ASN A 365 22.63 7.34 18.96
N GLU A 366 21.54 7.35 18.22
CA GLU A 366 20.37 8.18 18.54
C GLU A 366 19.32 7.27 19.21
N LEU A 367 19.04 7.53 20.49
CA LEU A 367 18.00 6.81 21.21
C LEU A 367 16.63 7.05 20.59
N ALA A 368 15.85 5.97 20.37
CA ALA A 368 14.60 6.14 19.67
C ALA A 368 13.53 6.63 20.63
N PRO A 369 12.74 7.65 20.27
CA PRO A 369 11.53 7.93 21.04
C PRO A 369 10.60 6.71 21.07
N ASN A 370 9.82 6.61 22.14
CA ASN A 370 8.79 5.58 22.26
C ASN A 370 7.57 5.95 21.45
N LYS A 371 6.80 4.92 21.13
CA LYS A 371 5.46 5.09 20.62
C LYS A 371 4.59 5.75 21.69
N PRO A 372 3.57 6.49 21.28
CA PRO A 372 2.76 7.22 22.25
C PRO A 372 1.88 6.28 23.07
N ASP A 373 1.68 6.65 24.34
CA ASP A 373 0.67 5.99 25.17
C ASP A 373 -0.71 6.50 24.77
N GLU A 374 -1.74 5.95 25.43
N GLU A 374 -1.75 5.97 25.42
CA GLU A 374 -3.11 6.30 25.11
CA GLU A 374 -3.11 6.32 25.02
C GLU A 374 -3.33 7.80 25.21
C GLU A 374 -3.40 7.79 25.24
N LYS A 375 -2.83 8.40 26.29
CA LYS A 375 -3.03 9.83 26.50
C LYS A 375 -2.37 10.64 25.41
N GLU A 376 -1.08 10.38 25.18
CA GLU A 376 -0.35 11.15 24.17
C GLU A 376 -1.03 10.98 22.82
N LEU A 377 -1.43 9.76 22.49
CA LEU A 377 -2.06 9.52 21.20
C LEU A 377 -3.30 10.39 21.02
N ALA A 378 -4.08 10.57 22.08
CA ALA A 378 -5.31 11.34 21.94
C ALA A 378 -4.98 12.83 21.79
N ARG A 379 -3.94 13.29 22.48
CA ARG A 379 -3.43 14.64 22.24
C ARG A 379 -3.05 14.85 20.78
N ARG A 380 -2.40 13.87 20.18
CA ARG A 380 -1.93 14.05 18.82
C ARG A 380 -3.03 14.11 17.79
N ARG A 381 -4.30 14.04 18.17
CA ARG A 381 -5.33 13.97 17.14
C ARG A 381 -5.72 15.35 16.60
N GLN A 382 -5.27 16.43 17.23
CA GLN A 382 -5.37 17.76 16.65
C GLN A 382 -4.79 17.81 15.23
N SER A 383 -5.40 18.60 14.38
CA SER A 383 -4.97 18.67 12.99
C SER A 383 -4.33 20.04 12.71
N TYR A 384 -4.04 20.29 11.44
CA TYR A 384 -3.32 21.49 11.01
C TYR A 384 -3.69 21.77 9.55
N GLU A 385 -3.30 22.94 9.08
CA GLU A 385 -3.64 23.36 7.72
C GLU A 385 -2.72 22.68 6.70
N GLY A 386 -3.31 22.20 5.61
CA GLY A 386 -2.55 21.48 4.60
C GLY A 386 -2.22 22.27 3.34
N GLY A 387 -2.52 21.68 2.18
CA GLY A 387 -2.18 22.33 0.94
C GLY A 387 -3.14 23.41 0.52
N TYR A 388 -2.61 24.33 -0.30
CA TYR A 388 -3.39 25.39 -0.92
C TYR A 388 -4.08 24.83 -2.17
N VAL A 389 -5.39 25.06 -2.27
CA VAL A 389 -6.15 24.64 -3.45
C VAL A 389 -6.92 25.84 -3.93
N LYS A 390 -6.64 26.26 -5.16
CA LYS A 390 -7.27 27.45 -5.73
C LYS A 390 -8.58 27.07 -6.42
N GLU A 391 -9.64 27.83 -6.17
CA GLU A 391 -10.87 27.58 -6.90
C GLU A 391 -10.61 27.78 -8.40
N PRO A 392 -10.94 26.82 -9.25
CA PRO A 392 -10.63 27.01 -10.67
C PRO A 392 -11.53 28.03 -11.34
N GLU A 393 -11.01 28.70 -12.34
CA GLU A 393 -11.87 29.35 -13.31
C GLU A 393 -12.39 28.24 -14.23
N ARG A 394 -13.66 27.86 -14.04
CA ARG A 394 -14.12 26.58 -14.54
C ARG A 394 -14.42 26.66 -16.03
N GLY A 395 -14.30 25.53 -16.70
CA GLY A 395 -14.62 25.50 -18.13
C GLY A 395 -13.47 25.01 -18.99
N LEU A 396 -13.59 25.27 -20.28
CA LEU A 396 -12.64 24.81 -21.29
C LEU A 396 -11.65 25.92 -21.60
N TRP A 397 -10.36 25.58 -21.51
CA TRP A 397 -9.27 26.50 -21.84
C TRP A 397 -8.35 25.85 -22.86
N GLU A 398 -7.63 26.68 -23.59
CA GLU A 398 -6.72 26.23 -24.64
C GLU A 398 -5.28 26.64 -24.33
N ASN A 399 -4.34 25.79 -24.75
CA ASN A 399 -2.92 26.11 -24.78
C ASN A 399 -2.39 26.39 -23.37
N ILE A 400 -2.41 25.33 -22.60
CA ILE A 400 -2.16 25.35 -21.16
C ILE A 400 -0.79 24.76 -20.87
N VAL A 401 -0.08 25.35 -19.90
CA VAL A 401 1.09 24.71 -19.31
C VAL A 401 0.81 24.35 -17.86
N TYR A 402 1.37 23.24 -17.45
CA TYR A 402 1.38 22.84 -16.05
C TYR A 402 2.83 22.96 -15.57
N LEU A 403 3.03 23.76 -14.55
CA LEU A 403 4.33 23.90 -13.92
C LEU A 403 4.20 23.44 -12.48
N ASP A 404 5.15 22.67 -11.98
CA ASP A 404 5.02 22.21 -10.60
C ASP A 404 6.41 22.00 -10.02
N PHE A 405 6.46 21.98 -8.69
CA PHE A 405 7.70 21.85 -7.96
C PHE A 405 8.24 20.43 -8.02
N ARG A 406 9.57 20.34 -8.06
CA ARG A 406 10.25 19.05 -7.88
C ARG A 406 10.19 18.67 -6.41
N SER A 407 9.56 17.52 -6.13
CA SER A 407 9.44 17.00 -4.77
C SER A 407 9.32 18.10 -3.71
N LEU A 408 8.20 18.83 -3.73
CA LEU A 408 8.09 20.03 -2.92
C LEU A 408 8.33 19.76 -1.43
N TYR A 409 7.63 18.81 -0.86
CA TYR A 409 7.73 18.69 0.58
C TYR A 409 9.11 18.17 0.98
N PRO A 410 9.68 17.20 0.29
CA PRO A 410 11.07 16.82 0.62
C PRO A 410 12.09 17.94 0.40
N SER A 411 11.91 18.75 -0.65
CA SER A 411 12.81 19.89 -0.86
C SER A 411 12.75 20.85 0.31
N ILE A 412 11.55 21.08 0.82
CA ILE A 412 11.35 21.97 1.97
C ILE A 412 12.05 21.42 3.20
N ILE A 413 11.86 20.12 3.46
CA ILE A 413 12.40 19.52 4.68
C ILE A 413 13.89 19.66 4.70
N ILE A 414 14.49 19.45 3.54
CA ILE A 414 15.93 19.48 3.38
C ILE A 414 16.43 20.93 3.38
N THR A 415 15.74 21.82 2.68
CA THR A 415 16.25 23.15 2.49
C THR A 415 16.18 23.93 3.79
N HIS A 416 15.08 23.78 4.52
CA HIS A 416 14.87 24.49 5.76
C HIS A 416 15.15 23.63 6.98
N ASN A 417 15.70 22.43 6.78
CA ASN A 417 16.22 21.61 7.89
C ASN A 417 15.13 21.32 8.94
N VAL A 418 13.99 20.87 8.45
CA VAL A 418 12.79 20.74 9.26
C VAL A 418 12.84 19.39 9.97
N SER A 419 13.02 19.42 11.28
CA SER A 419 13.29 18.21 12.05
C SER A 419 12.95 18.48 13.50
N PRO A 420 12.45 17.48 14.24
CA PRO A 420 12.14 17.73 15.64
C PRO A 420 13.36 18.09 16.45
N ASP A 421 14.57 17.68 16.02
CA ASP A 421 15.79 18.06 16.72
C ASP A 421 16.32 19.41 16.31
N THR A 422 15.77 20.05 15.29
CA THR A 422 16.14 21.43 14.98
C THR A 422 15.05 22.42 15.36
N LEU A 423 13.88 21.92 15.74
CA LEU A 423 12.74 22.77 15.98
C LEU A 423 12.97 23.61 17.20
N ASN A 424 12.98 24.93 17.01
CA ASN A 424 13.23 25.90 18.07
C ASN A 424 14.43 25.53 18.94
N ARG A 425 15.49 25.03 18.30
CA ARG A 425 16.71 24.72 19.03
C ARG A 425 17.42 26.02 19.40
N GLU A 426 17.69 26.19 20.68
CA GLU A 426 18.19 27.45 21.20
C GLU A 426 19.70 27.56 21.01
N GLY A 427 20.17 28.79 20.82
CA GLY A 427 21.59 29.05 20.80
C GLY A 427 22.30 28.92 19.45
N CYS A 428 21.57 28.86 18.36
CA CYS A 428 22.20 28.72 17.06
C CYS A 428 22.49 30.09 16.44
N LYS A 429 23.28 30.06 15.38
CA LYS A 429 23.64 31.28 14.71
C LYS A 429 22.85 31.53 13.45
N GLU A 430 22.13 30.53 12.95
CA GLU A 430 21.31 30.66 11.77
C GLU A 430 19.98 29.91 11.95
N TYR A 431 18.87 30.57 11.63
CA TYR A 431 17.55 29.96 11.60
C TYR A 431 16.78 30.29 10.32
N ASP A 432 15.95 29.33 9.88
CA ASP A 432 14.87 29.60 8.95
C ASP A 432 13.54 29.59 9.70
N VAL A 433 12.62 30.43 9.29
CA VAL A 433 11.39 30.68 10.04
C VAL A 433 10.21 30.33 9.16
N ALA A 434 9.38 29.39 9.61
CA ALA A 434 8.28 28.93 8.77
C ALA A 434 7.21 30.02 8.68
N PRO A 435 6.71 30.34 7.50
CA PRO A 435 5.66 31.36 7.41
C PRO A 435 4.41 30.92 8.14
N GLN A 436 3.61 31.92 8.55
CA GLN A 436 2.35 31.74 9.26
C GLN A 436 2.50 31.07 10.63
N VAL A 437 3.12 29.88 10.68
CA VAL A 437 3.16 29.12 11.92
C VAL A 437 4.32 29.51 12.82
N GLY A 438 5.35 30.17 12.30
CA GLY A 438 6.35 30.81 13.13
C GLY A 438 7.46 29.93 13.68
N HIS A 439 7.39 28.61 13.55
CA HIS A 439 8.45 27.76 14.07
C HIS A 439 9.79 28.08 13.42
N ARG A 440 10.83 28.16 14.24
CA ARG A 440 12.19 28.37 13.81
C ARG A 440 12.93 27.04 13.74
N PHE A 441 13.79 26.90 12.76
CA PHE A 441 14.61 25.71 12.61
C PHE A 441 16.08 26.10 12.56
N CYS A 442 16.87 25.48 13.42
CA CYS A 442 18.31 25.66 13.41
C CYS A 442 18.92 25.15 12.11
N LYS A 443 19.81 25.93 11.53
CA LYS A 443 20.52 25.51 10.33
C LYS A 443 21.96 25.14 10.61
N ASP A 444 22.43 25.26 11.84
CA ASP A 444 23.84 25.03 12.13
C ASP A 444 24.28 23.57 11.97
N PHE A 445 23.38 22.62 12.09
CA PHE A 445 23.72 21.20 11.91
C PHE A 445 22.55 20.53 11.22
N PRO A 446 22.80 19.53 10.37
CA PRO A 446 21.69 18.83 9.69
C PRO A 446 20.85 18.06 10.69
N GLY A 447 19.54 18.29 10.65
CA GLY A 447 18.65 17.47 11.45
C GLY A 447 18.72 16.01 11.04
N PHE A 448 18.34 15.14 11.98
CA PHE A 448 18.32 13.69 11.76
C PHE A 448 17.55 13.36 10.49
N ILE A 449 16.31 13.77 10.40
CA ILE A 449 15.53 13.35 9.26
C ILE A 449 15.94 14.07 7.99
N PRO A 450 16.09 15.41 7.97
CA PRO A 450 16.64 16.06 6.76
C PRO A 450 17.93 15.45 6.27
N SER A 451 18.80 15.06 7.19
CA SER A 451 20.05 14.47 6.77
C SER A 451 19.81 13.15 6.02
N LEU A 452 18.86 12.33 6.52
CA LEU A 452 18.62 11.04 5.88
C LEU A 452 17.91 11.23 4.55
N LEU A 453 16.98 12.18 4.50
CA LEU A 453 16.23 12.45 3.28
C LEU A 453 17.15 13.01 2.22
N GLY A 454 18.05 13.90 2.61
CA GLY A 454 19.06 14.39 1.70
C GLY A 454 19.95 13.30 1.13
N ASP A 455 20.45 12.41 1.99
CA ASP A 455 21.26 11.31 1.48
C ASP A 455 20.43 10.43 0.53
N LEU A 456 19.15 10.29 0.82
CA LEU A 456 18.32 9.43 -0.03
C LEU A 456 18.16 10.03 -1.42
N LEU A 457 17.84 11.32 -1.48
CA LEU A 457 17.62 11.96 -2.76
C LEU A 457 18.90 12.01 -3.56
N GLU A 458 20.04 12.20 -2.89
CA GLU A 458 21.30 12.22 -3.60
C GLU A 458 21.66 10.84 -4.14
N GLU A 459 21.39 9.79 -3.35
CA GLU A 459 21.62 8.44 -3.85
C GLU A 459 20.74 8.15 -5.06
N ARG A 460 19.49 8.59 -5.02
CA ARG A 460 18.61 8.34 -6.15
C ARG A 460 19.15 8.99 -7.42
N GLN A 461 19.72 10.20 -7.30
CA GLN A 461 20.27 10.85 -8.50
C GLN A 461 21.52 10.12 -9.00
N LYS A 462 22.41 9.73 -8.08
CA LYS A 462 23.53 8.94 -8.55
C LYS A 462 23.07 7.65 -9.23
N ILE A 463 22.01 7.01 -8.73
CA ILE A 463 21.57 5.74 -9.31
C ILE A 463 21.07 5.96 -10.74
N LYS A 464 20.23 6.98 -10.93
CA LYS A 464 19.74 7.33 -12.26
C LYS A 464 20.90 7.59 -13.23
N LYS A 465 21.99 8.15 -12.73
CA LYS A 465 23.13 8.41 -13.60
C LYS A 465 23.81 7.10 -13.99
N LYS A 466 24.03 6.23 -13.02
CA LYS A 466 24.67 4.95 -13.27
C LYS A 466 23.79 4.05 -14.15
N MET A 467 22.47 4.11 -13.98
CA MET A 467 21.57 3.39 -14.88
C MET A 467 21.78 3.75 -16.35
N LYS A 468 21.84 5.05 -16.64
CA LYS A 468 22.01 5.51 -18.01
C LYS A 468 23.31 5.00 -18.58
N ALA A 469 24.37 5.02 -17.77
CA ALA A 469 25.69 4.66 -18.25
C ALA A 469 25.92 3.16 -18.25
N THR A 470 25.25 2.42 -17.38
CA THR A 470 25.55 1.01 -17.23
C THR A 470 25.32 0.26 -18.54
N ILE A 471 26.03 -0.85 -18.68
CA ILE A 471 25.91 -1.74 -19.82
C ILE A 471 25.32 -3.09 -19.44
N ASP A 472 25.29 -3.40 -18.16
CA ASP A 472 24.80 -4.68 -17.69
C ASP A 472 23.30 -4.61 -17.48
N PRO A 473 22.51 -5.36 -18.22
CA PRO A 473 21.04 -5.27 -18.05
C PRO A 473 20.54 -5.77 -16.72
N ILE A 474 21.21 -6.73 -16.10
CA ILE A 474 20.80 -7.15 -14.76
C ILE A 474 20.98 -6.02 -13.75
N GLU A 475 22.18 -5.43 -13.72
CA GLU A 475 22.45 -4.33 -12.80
C GLU A 475 21.53 -3.15 -13.06
N ARG A 476 21.33 -2.79 -14.32
CA ARG A 476 20.42 -1.70 -14.62
C ARG A 476 19.05 -1.93 -13.97
N LYS A 477 18.55 -3.16 -14.05
CA LYS A 477 17.23 -3.44 -13.50
C LYS A 477 17.22 -3.39 -11.97
N LEU A 478 18.26 -3.92 -11.31
CA LEU A 478 18.33 -3.76 -9.87
C LEU A 478 18.35 -2.29 -9.50
N LEU A 479 19.14 -1.49 -10.22
CA LEU A 479 19.22 -0.06 -9.92
C LEU A 479 17.85 0.59 -10.08
N ASP A 480 17.13 0.24 -11.15
CA ASP A 480 15.83 0.84 -11.40
C ASP A 480 14.90 0.64 -10.23
N TYR A 481 14.83 -0.58 -9.70
CA TYR A 481 13.94 -0.85 -8.58
C TYR A 481 14.40 -0.14 -7.31
N ARG A 482 15.70 -0.02 -7.09
CA ARG A 482 16.18 0.68 -5.90
C ARG A 482 15.84 2.17 -5.94
N GLN A 483 16.07 2.81 -7.10
CA GLN A 483 15.71 4.21 -7.30
C GLN A 483 14.20 4.41 -7.11
N ARG A 484 13.41 3.46 -7.58
CA ARG A 484 11.98 3.52 -7.33
C ARG A 484 11.66 3.36 -5.86
N ALA A 485 12.36 2.48 -5.17
CA ALA A 485 12.09 2.32 -3.74
C ALA A 485 12.47 3.58 -2.97
N ILE A 486 13.55 4.25 -3.37
CA ILE A 486 13.95 5.46 -2.65
C ILE A 486 12.90 6.55 -2.80
N LYS A 487 12.34 6.68 -3.99
CA LYS A 487 11.30 7.69 -4.21
C LYS A 487 10.14 7.46 -3.26
N ILE A 488 9.69 6.22 -3.18
CA ILE A 488 8.60 5.87 -2.29
C ILE A 488 8.93 6.28 -0.86
N LEU A 489 10.07 5.83 -0.35
CA LEU A 489 10.47 6.19 1.01
C LEU A 489 10.57 7.70 1.19
N ALA A 490 11.28 8.38 0.29
CA ALA A 490 11.49 9.82 0.47
C ALA A 490 10.17 10.58 0.50
N ASN A 491 9.20 10.13 -0.26
CA ASN A 491 7.90 10.78 -0.31
C ASN A 491 7.00 10.40 0.86
N SER A 492 7.49 9.62 1.81
CA SER A 492 6.68 9.17 2.93
C SER A 492 6.98 9.93 4.19
N TYR A 493 8.01 10.79 4.16
CA TYR A 493 8.46 11.42 5.39
C TYR A 493 7.46 12.45 5.89
N TYR A 494 6.93 13.28 4.99
CA TYR A 494 6.01 14.33 5.44
C TYR A 494 4.80 13.72 6.16
N GLY A 495 4.17 12.70 5.56
CA GLY A 495 3.02 12.09 6.22
C GLY A 495 3.38 11.38 7.51
N TYR A 496 4.61 10.91 7.64
CA TYR A 496 5.05 10.29 8.87
C TYR A 496 5.15 11.31 10.01
N TYR A 497 5.66 12.54 9.71
CA TYR A 497 5.68 13.63 10.69
C TYR A 497 4.31 13.91 11.29
N GLY A 498 3.26 13.82 10.47
CA GLY A 498 1.93 14.05 10.96
C GLY A 498 1.21 12.79 11.42
N TYR A 499 1.92 11.69 11.61
CA TYR A 499 1.31 10.40 11.88
C TYR A 499 1.26 10.17 13.40
N ALA A 500 0.06 10.15 13.97
CA ALA A 500 -0.06 10.20 15.43
C ALA A 500 0.69 9.06 16.11
N ARG A 501 0.79 7.91 15.48
CA ARG A 501 1.45 6.77 16.10
C ARG A 501 2.97 6.78 15.90
N ALA A 502 3.49 7.70 15.11
CA ALA A 502 4.91 7.72 14.83
C ALA A 502 5.74 7.98 16.09
N ARG A 503 6.90 7.33 16.16
CA ARG A 503 7.88 7.67 17.18
C ARG A 503 8.45 9.07 16.97
N TRP A 504 8.74 9.45 15.73
CA TRP A 504 9.27 10.77 15.41
C TRP A 504 8.19 11.71 14.88
N TYR A 505 6.97 11.49 15.33
CA TYR A 505 5.90 12.45 15.09
C TYR A 505 6.36 13.86 15.43
N CYS A 506 5.99 14.82 14.60
CA CYS A 506 6.30 16.21 14.91
C CYS A 506 5.28 17.07 14.18
N LYS A 507 4.25 17.47 14.91
CA LYS A 507 3.20 18.28 14.29
C LYS A 507 3.75 19.63 13.84
N GLU A 508 4.65 20.22 14.63
CA GLU A 508 5.23 21.49 14.23
C GLU A 508 6.02 21.35 12.94
N CYS A 509 6.66 20.19 12.75
CA CYS A 509 7.38 19.94 11.51
C CYS A 509 6.40 19.84 10.34
N ALA A 510 5.34 19.05 10.51
CA ALA A 510 4.40 18.84 9.42
C ALA A 510 3.76 20.15 8.99
N GLU A 511 3.30 20.96 9.96
CA GLU A 511 2.57 22.16 9.55
C GLU A 511 3.50 23.26 9.06
N SER A 512 4.78 23.20 9.44
CA SER A 512 5.79 24.04 8.83
C SER A 512 6.02 23.66 7.38
N VAL A 513 6.12 22.35 7.09
CA VAL A 513 6.22 21.91 5.69
C VAL A 513 5.05 22.46 4.88
N THR A 514 3.82 22.24 5.35
CA THR A 514 2.69 22.67 4.53
C THR A 514 2.59 24.18 4.46
N ALA A 515 2.96 24.91 5.52
CA ALA A 515 2.96 26.37 5.42
C ALA A 515 3.96 26.86 4.38
N TRP A 516 5.18 26.34 4.40
CA TRP A 516 6.14 26.71 3.37
C TRP A 516 5.60 26.37 1.99
N GLY A 517 4.99 25.19 1.85
CA GLY A 517 4.39 24.84 0.56
C GLY A 517 3.37 25.85 0.09
N ARG A 518 2.44 26.26 0.97
CA ARG A 518 1.48 27.30 0.60
C ARG A 518 2.18 28.60 0.21
N GLU A 519 3.19 29.02 0.97
CA GLU A 519 3.85 30.28 0.62
C GLU A 519 4.49 30.17 -0.76
N TYR A 520 5.20 29.07 -1.01
CA TYR A 520 5.91 28.97 -2.29
C TYR A 520 4.95 28.91 -3.48
N ILE A 521 3.88 28.13 -3.38
CA ILE A 521 3.02 27.99 -4.55
C ILE A 521 2.23 29.25 -4.77
N THR A 522 1.76 29.90 -3.68
CA THR A 522 1.05 31.16 -3.88
C THR A 522 1.98 32.29 -4.31
N MET A 523 3.23 32.29 -3.84
CA MET A 523 4.16 33.32 -4.29
C MET A 523 4.39 33.19 -5.79
N THR A 524 4.57 31.96 -6.24
CA THR A 524 4.86 31.73 -7.64
C THR A 524 3.67 32.07 -8.52
N ILE A 525 2.46 31.74 -8.08
CA ILE A 525 1.28 32.13 -8.85
C ILE A 525 1.24 33.66 -9.02
N LYS A 526 1.47 34.39 -7.93
CA LYS A 526 1.39 35.85 -7.98
C LYS A 526 2.44 36.40 -8.94
N GLU A 527 3.62 35.79 -8.96
CA GLU A 527 4.65 36.26 -9.87
C GLU A 527 4.27 36.03 -11.32
N ILE A 528 3.71 34.88 -11.65
CA ILE A 528 3.47 34.67 -13.06
C ILE A 528 2.31 35.52 -13.54
N GLU A 529 1.35 35.83 -12.65
CA GLU A 529 0.26 36.72 -13.02
C GLU A 529 0.75 38.16 -13.17
N GLU A 530 1.46 38.66 -12.16
CA GLU A 530 1.80 40.07 -12.12
C GLU A 530 2.93 40.41 -13.07
N LYS A 531 3.93 39.54 -13.19
CA LYS A 531 5.10 39.89 -13.98
C LYS A 531 5.10 39.34 -15.38
N TYR A 532 4.29 38.33 -15.68
CA TYR A 532 4.25 37.79 -17.04
C TYR A 532 2.86 37.76 -17.62
N GLY A 533 1.84 38.22 -16.89
CA GLY A 533 0.52 38.37 -17.45
C GLY A 533 -0.26 37.09 -17.68
N PHE A 534 0.18 35.95 -17.14
CA PHE A 534 -0.58 34.72 -17.32
C PHE A 534 -1.87 34.75 -16.51
N LYS A 535 -2.85 33.98 -16.98
CA LYS A 535 -3.98 33.60 -16.15
C LYS A 535 -3.67 32.25 -15.52
N VAL A 536 -3.75 32.18 -14.20
CA VAL A 536 -3.67 30.89 -13.53
C VAL A 536 -5.10 30.35 -13.47
N ILE A 537 -5.33 29.26 -14.18
CA ILE A 537 -6.65 28.65 -14.25
C ILE A 537 -6.96 27.92 -12.95
N TYR A 538 -5.99 27.21 -12.39
CA TYR A 538 -6.23 26.28 -11.29
C TYR A 538 -4.88 25.84 -10.68
N SER A 539 -4.90 25.52 -9.39
CA SER A 539 -3.68 25.18 -8.69
C SER A 539 -3.99 24.32 -7.48
N ASP A 540 -3.19 23.29 -7.26
CA ASP A 540 -3.44 22.36 -6.14
C ASP A 540 -2.09 21.96 -5.56
N THR A 541 -1.77 22.59 -4.43
CA THR A 541 -0.68 22.21 -3.55
C THR A 541 0.69 22.54 -4.08
N ASP A 542 1.13 21.89 -5.16
CA ASP A 542 2.51 22.03 -5.61
C ASP A 542 2.64 22.34 -7.10
N GLY A 543 1.57 22.75 -7.77
CA GLY A 543 1.71 23.06 -9.18
C GLY A 543 0.50 23.85 -9.61
N PHE A 544 0.55 24.38 -10.84
CA PHE A 544 -0.57 25.13 -11.32
C PHE A 544 -0.65 25.05 -12.83
N PHE A 545 -1.87 25.24 -13.33
CA PHE A 545 -2.14 25.33 -14.76
C PHE A 545 -2.28 26.78 -15.16
N ALA A 546 -1.71 27.16 -16.30
CA ALA A 546 -1.84 28.54 -16.72
C ALA A 546 -1.75 28.67 -18.23
N THR A 547 -2.31 29.77 -18.74
CA THR A 547 -2.21 30.13 -20.14
C THR A 547 -2.25 31.65 -20.27
N ILE A 548 -2.18 32.11 -21.52
CA ILE A 548 -2.50 33.48 -21.91
C ILE A 548 -3.71 33.38 -22.84
N PRO A 549 -4.91 33.81 -22.42
CA PRO A 549 -6.12 33.49 -23.20
C PRO A 549 -5.96 33.72 -24.70
N GLY A 550 -5.81 34.96 -25.13
CA GLY A 550 -5.65 35.19 -26.55
C GLY A 550 -4.21 35.05 -26.98
N ALA A 551 -3.76 33.83 -27.25
CA ALA A 551 -2.32 33.70 -27.46
C ALA A 551 -1.97 32.35 -28.07
N ASP A 552 -0.93 32.39 -28.89
CA ASP A 552 -0.45 31.25 -29.64
C ASP A 552 0.21 30.23 -28.72
N ALA A 553 0.24 28.98 -29.17
CA ALA A 553 0.82 27.92 -28.35
C ALA A 553 2.31 28.13 -28.13
N GLU A 554 3.06 28.43 -29.19
CA GLU A 554 4.49 28.67 -29.01
C GLU A 554 4.75 29.92 -28.18
N THR A 555 3.81 30.86 -28.17
CA THR A 555 3.98 32.02 -27.29
C THR A 555 3.88 31.61 -25.82
N VAL A 556 2.90 30.74 -25.49
CA VAL A 556 2.68 30.34 -24.10
C VAL A 556 3.87 29.54 -23.60
N LYS A 557 4.33 28.59 -24.41
CA LYS A 557 5.52 27.83 -24.09
C LYS A 557 6.72 28.74 -23.83
N LYS A 558 7.08 29.57 -24.81
CA LYS A 558 8.31 30.34 -24.62
C LYS A 558 8.20 31.20 -23.37
N LYS A 559 7.06 31.83 -23.16
CA LYS A 559 6.96 32.72 -22.01
C LYS A 559 6.95 31.92 -20.72
N ALA A 560 6.39 30.72 -20.73
CA ALA A 560 6.50 29.85 -19.55
C ALA A 560 7.95 29.54 -19.25
N MET A 561 8.77 29.26 -20.27
CA MET A 561 10.18 28.99 -20.02
C MET A 561 10.89 30.22 -19.46
N GLU A 562 10.57 31.40 -19.97
CA GLU A 562 11.16 32.61 -19.42
C GLU A 562 10.77 32.79 -17.96
N PHE A 563 9.49 32.62 -17.63
CA PHE A 563 9.07 32.76 -16.24
C PHE A 563 9.82 31.76 -15.36
N LEU A 564 10.09 30.56 -15.88
CA LEU A 564 10.78 29.55 -15.10
C LEU A 564 12.20 29.97 -14.79
N LYS A 565 12.91 30.48 -15.81
CA LYS A 565 14.25 31.00 -15.58
C LYS A 565 14.21 32.05 -14.49
N TYR A 566 13.25 32.96 -14.60
CA TYR A 566 13.15 34.05 -13.63
C TYR A 566 12.91 33.52 -12.22
N ILE A 567 12.00 32.57 -12.10
CA ILE A 567 11.52 32.19 -10.78
C ILE A 567 12.52 31.30 -10.07
N ASN A 568 13.24 30.45 -10.80
CA ASN A 568 14.16 29.55 -10.11
C ASN A 568 15.39 30.27 -9.60
N ALA A 569 15.75 31.42 -10.18
CA ALA A 569 16.79 32.27 -9.61
C ALA A 569 16.38 32.90 -8.28
N LYS A 570 15.09 33.03 -8.01
CA LYS A 570 14.62 33.51 -6.73
C LYS A 570 14.39 32.42 -5.69
N LEU A 571 14.24 31.18 -6.10
CA LEU A 571 13.90 30.10 -5.16
C LEU A 571 15.14 29.62 -4.43
N PRO A 572 15.08 29.45 -3.11
CA PRO A 572 16.25 29.00 -2.36
C PRO A 572 16.49 27.50 -2.42
N GLY A 573 17.77 27.14 -2.30
CA GLY A 573 18.14 25.75 -2.05
C GLY A 573 17.66 24.77 -3.09
N ALA A 574 16.93 23.74 -2.64
CA ALA A 574 16.45 22.66 -3.48
C ALA A 574 15.11 22.95 -4.12
N LEU A 575 14.50 24.09 -3.83
CA LEU A 575 13.20 24.39 -4.39
C LEU A 575 13.37 24.79 -5.82
N GLU A 576 12.57 24.19 -6.69
CA GLU A 576 12.72 24.36 -8.12
C GLU A 576 11.39 24.08 -8.76
N LEU A 577 10.98 25.01 -9.62
CA LEU A 577 9.76 24.90 -10.39
C LEU A 577 10.11 24.37 -11.76
N GLU A 578 9.37 23.38 -12.23
CA GLU A 578 9.69 22.68 -13.46
C GLU A 578 8.54 22.77 -14.45
N TYR A 579 8.89 22.58 -15.71
CA TYR A 579 7.92 22.49 -16.79
C TYR A 579 7.45 21.05 -16.89
N GLU A 580 6.22 20.79 -16.47
CA GLU A 580 5.72 19.43 -16.47
C GLU A 580 5.16 19.04 -17.83
N GLY A 581 4.43 19.94 -18.47
CA GLY A 581 3.91 19.62 -19.78
C GLY A 581 3.00 20.71 -20.32
N PHE A 582 2.70 20.57 -21.61
CA PHE A 582 1.83 21.46 -22.36
C PHE A 582 0.61 20.67 -22.81
N TYR A 583 -0.57 21.22 -22.58
CA TYR A 583 -1.82 20.58 -22.94
C TYR A 583 -2.57 21.49 -23.90
N LYS A 584 -3.02 20.91 -25.01
CA LYS A 584 -3.70 21.70 -26.02
C LYS A 584 -5.03 22.24 -25.51
N ARG A 585 -5.74 21.46 -24.71
CA ARG A 585 -7.02 21.90 -24.15
C ARG A 585 -7.12 21.36 -22.74
N GLY A 586 -7.89 22.05 -21.91
CA GLY A 586 -8.14 21.55 -20.57
C GLY A 586 -9.54 21.92 -20.13
N PHE A 587 -10.15 21.04 -19.34
CA PHE A 587 -11.51 21.24 -18.85
C PHE A 587 -11.52 21.09 -17.34
N PHE A 588 -11.81 22.18 -16.64
CA PHE A 588 -11.71 22.24 -15.19
C PHE A 588 -13.10 22.33 -14.59
N VAL A 589 -13.47 21.33 -13.79
CA VAL A 589 -14.85 21.16 -13.37
C VAL A 589 -15.08 21.68 -11.98
N THR A 590 -14.25 21.25 -11.04
CA THR A 590 -14.27 21.73 -9.67
C THR A 590 -12.84 21.63 -9.14
N LYS A 591 -12.64 22.12 -7.93
CA LYS A 591 -11.44 21.71 -7.22
C LYS A 591 -11.28 20.20 -7.29
N LYS A 592 -10.11 19.76 -7.74
CA LYS A 592 -9.65 18.36 -7.76
C LYS A 592 -10.28 17.53 -8.85
N LYS A 593 -11.11 18.10 -9.72
CA LYS A 593 -11.73 17.37 -10.82
C LYS A 593 -11.53 18.13 -12.13
N TYR A 594 -10.79 17.54 -13.05
CA TYR A 594 -10.50 18.19 -14.33
C TYR A 594 -9.92 17.14 -15.27
N ALA A 595 -9.77 17.52 -16.54
CA ALA A 595 -9.09 16.68 -17.52
C ALA A 595 -8.37 17.55 -18.53
N VAL A 596 -7.25 17.03 -19.04
CA VAL A 596 -6.48 17.73 -20.06
C VAL A 596 -6.12 16.77 -21.18
N ILE A 597 -5.85 17.34 -22.35
CA ILE A 597 -5.40 16.59 -23.51
C ILE A 597 -4.10 17.20 -24.04
N ASP A 598 -3.14 16.34 -24.38
CA ASP A 598 -1.85 16.85 -24.83
C ASP A 598 -1.83 17.00 -26.34
N GLU A 599 -0.69 17.41 -26.88
CA GLU A 599 -0.64 17.64 -28.31
C GLU A 599 -0.77 16.35 -29.10
N GLU A 600 -0.45 15.21 -28.51
CA GLU A 600 -0.50 13.94 -29.22
C GLU A 600 -1.87 13.28 -29.16
N GLY A 601 -2.79 13.83 -28.36
CA GLY A 601 -4.16 13.38 -28.30
C GLY A 601 -4.49 12.67 -27.03
N LYS A 602 -3.51 12.45 -26.16
CA LYS A 602 -3.69 11.63 -24.97
C LYS A 602 -4.38 12.44 -23.87
N ILE A 603 -5.47 11.87 -23.34
CA ILE A 603 -6.26 12.51 -22.31
C ILE A 603 -5.83 11.99 -20.95
N THR A 604 -5.79 12.89 -19.98
CA THR A 604 -5.43 12.57 -18.61
C THR A 604 -6.52 13.14 -17.71
N THR A 605 -7.04 12.31 -16.82
CA THR A 605 -8.21 12.68 -16.04
C THR A 605 -7.93 12.50 -14.57
N ARG A 606 -8.48 13.43 -13.78
CA ARG A 606 -8.23 13.51 -12.36
C ARG A 606 -9.55 13.81 -11.65
N GLY A 607 -9.86 12.99 -10.64
CA GLY A 607 -10.90 13.28 -9.68
C GLY A 607 -12.30 13.01 -10.19
N LEU A 608 -12.49 13.07 -11.51
CA LEU A 608 -13.81 12.84 -12.09
C LEU A 608 -14.24 11.39 -11.92
N GLU A 609 -15.56 11.18 -12.00
CA GLU A 609 -16.13 9.85 -11.82
C GLU A 609 -15.38 8.81 -12.64
N ILE A 610 -14.88 9.21 -13.80
CA ILE A 610 -14.11 8.30 -14.66
C ILE A 610 -13.06 7.51 -13.89
N VAL A 611 -12.47 8.09 -12.83
CA VAL A 611 -11.34 7.45 -12.16
C VAL A 611 -11.73 6.67 -10.92
N ARG A 612 -13.00 6.72 -10.48
CA ARG A 612 -13.44 6.18 -9.20
C ARG A 612 -14.07 4.81 -9.35
N ARG A 613 -13.93 3.98 -8.30
CA ARG A 613 -14.54 2.65 -8.32
C ARG A 613 -16.02 2.64 -7.97
N ASP A 614 -16.53 3.66 -7.28
CA ASP A 614 -17.92 3.70 -6.83
C ASP A 614 -18.84 4.34 -7.86
N TRP A 615 -18.46 4.31 -9.11
CA TRP A 615 -19.31 4.72 -10.20
C TRP A 615 -19.34 3.60 -11.23
N SER A 616 -20.53 3.29 -11.72
CA SER A 616 -20.67 2.18 -12.64
C SER A 616 -19.86 2.45 -13.91
N GLU A 617 -19.47 1.38 -14.59
CA GLU A 617 -18.74 1.56 -15.84
C GLU A 617 -19.57 2.29 -16.88
N ILE A 618 -20.88 2.09 -16.90
CA ILE A 618 -21.66 2.73 -17.95
C ILE A 618 -21.62 4.25 -17.75
N ALA A 619 -21.63 4.71 -16.49
CA ALA A 619 -21.50 6.14 -16.21
C ALA A 619 -20.11 6.65 -16.54
N LYS A 620 -19.07 5.90 -16.13
CA LYS A 620 -17.69 6.28 -16.40
C LYS A 620 -17.39 6.32 -17.89
N GLU A 621 -17.78 5.27 -18.60
CA GLU A 621 -17.53 5.19 -20.03
C GLU A 621 -18.18 6.36 -20.77
N THR A 622 -19.40 6.72 -20.36
CA THR A 622 -20.12 7.79 -21.03
C THR A 622 -19.50 9.15 -20.71
N GLN A 623 -19.10 9.36 -19.46
CA GLN A 623 -18.40 10.59 -19.13
C GLN A 623 -17.08 10.66 -19.88
N ALA A 624 -16.37 9.54 -19.98
CA ALA A 624 -15.16 9.50 -20.77
C ALA A 624 -15.44 9.91 -22.21
N ARG A 625 -16.57 9.44 -22.77
CA ARG A 625 -16.85 9.73 -24.18
C ARG A 625 -17.26 11.17 -24.37
N VAL A 626 -17.93 11.75 -23.38
CA VAL A 626 -18.27 13.16 -23.43
C VAL A 626 -17.01 14.01 -23.40
N LEU A 627 -16.10 13.69 -22.47
CA LEU A 627 -14.83 14.43 -22.38
C LEU A 627 -14.05 14.38 -23.69
N GLU A 628 -13.97 13.23 -24.34
CA GLU A 628 -13.24 13.17 -25.60
C GLU A 628 -13.89 14.06 -26.65
N ALA A 629 -15.22 14.01 -26.75
CA ALA A 629 -15.89 14.90 -27.69
C ALA A 629 -15.45 16.35 -27.49
N LEU A 630 -15.41 16.79 -26.23
CA LEU A 630 -15.06 18.17 -25.94
C LEU A 630 -13.57 18.43 -26.19
N LEU A 631 -12.71 17.67 -25.52
CA LEU A 631 -11.28 17.95 -25.58
C LEU A 631 -10.72 17.69 -26.96
N LYS A 632 -11.10 16.59 -27.60
CA LYS A 632 -10.46 16.21 -28.86
C LYS A 632 -11.15 16.89 -30.04
N ASP A 633 -12.46 16.71 -30.18
CA ASP A 633 -13.17 17.17 -31.36
C ASP A 633 -13.87 18.52 -31.16
N GLY A 634 -13.74 19.13 -29.99
CA GLY A 634 -14.45 20.37 -29.66
C GLY A 634 -15.93 20.37 -30.01
N ASP A 635 -16.59 19.21 -29.88
CA ASP A 635 -17.91 18.96 -30.46
C ASP A 635 -18.94 18.73 -29.37
N VAL A 636 -19.61 19.81 -28.96
CA VAL A 636 -20.55 19.72 -27.85
C VAL A 636 -21.80 18.96 -28.27
N GLU A 637 -22.29 19.18 -29.48
CA GLU A 637 -23.53 18.53 -29.87
C GLU A 637 -23.37 17.03 -29.94
N LYS A 638 -22.20 16.55 -30.35
CA LYS A 638 -21.95 15.12 -30.33
C LYS A 638 -21.95 14.60 -28.91
N ALA A 639 -21.48 15.41 -27.95
CA ALA A 639 -21.54 15.01 -26.55
C ALA A 639 -22.98 14.75 -26.11
N VAL A 640 -23.91 15.61 -26.52
CA VAL A 640 -25.30 15.43 -26.14
C VAL A 640 -25.87 14.18 -26.79
N ARG A 641 -25.53 13.94 -28.07
CA ARG A 641 -26.08 12.77 -28.75
C ARG A 641 -25.59 11.49 -28.10
N ILE A 642 -24.37 11.51 -27.57
CA ILE A 642 -23.84 10.32 -26.91
C ILE A 642 -24.68 10.00 -25.67
N VAL A 643 -24.96 11.01 -24.85
CA VAL A 643 -25.74 10.76 -23.64
C VAL A 643 -27.14 10.28 -23.99
N LYS A 644 -27.78 10.97 -24.94
CA LYS A 644 -29.13 10.59 -25.32
C LYS A 644 -29.16 9.14 -25.76
N GLU A 645 -28.13 8.70 -26.49
CA GLU A 645 -28.12 7.35 -27.01
C GLU A 645 -27.91 6.35 -25.89
N VAL A 646 -26.97 6.63 -25.00
CA VAL A 646 -26.71 5.76 -23.85
C VAL A 646 -27.93 5.64 -22.97
N THR A 647 -28.58 6.77 -22.64
CA THR A 647 -29.76 6.68 -21.78
C THR A 647 -30.88 5.91 -22.47
N GLU A 648 -30.93 5.94 -23.79
CA GLU A 648 -31.96 5.15 -24.47
C GLU A 648 -31.62 3.67 -24.41
N LYS A 649 -30.36 3.32 -24.65
CA LYS A 649 -29.94 1.92 -24.50
C LYS A 649 -30.33 1.38 -23.12
N LEU A 650 -30.05 2.13 -22.06
CA LEU A 650 -30.38 1.70 -20.72
C LEU A 650 -31.87 1.47 -20.53
N SER A 651 -32.70 2.38 -21.04
CA SER A 651 -34.13 2.21 -20.90
C SER A 651 -34.65 1.04 -21.69
N LYS A 652 -33.88 0.55 -22.66
CA LYS A 652 -34.26 -0.62 -23.46
C LYS A 652 -33.59 -1.90 -22.98
N TYR A 653 -33.00 -1.90 -21.79
CA TYR A 653 -32.35 -3.08 -21.22
C TYR A 653 -31.38 -3.69 -22.24
N GLU A 654 -30.69 -2.82 -22.97
CA GLU A 654 -29.68 -3.24 -23.93
C GLU A 654 -28.26 -3.02 -23.43
N VAL A 655 -28.07 -2.54 -22.21
CA VAL A 655 -26.73 -2.38 -21.65
C VAL A 655 -26.42 -3.64 -20.85
N PRO A 656 -25.28 -4.28 -21.08
CA PRO A 656 -24.98 -5.50 -20.37
C PRO A 656 -24.76 -5.21 -18.90
N PRO A 657 -25.28 -6.06 -18.02
CA PRO A 657 -25.22 -5.74 -16.60
C PRO A 657 -23.82 -5.62 -16.07
N GLU A 658 -22.87 -6.29 -16.71
CA GLU A 658 -21.47 -6.15 -16.33
C GLU A 658 -21.01 -4.69 -16.28
N LYS A 659 -21.66 -3.77 -17.01
CA LYS A 659 -21.30 -2.36 -16.95
C LYS A 659 -22.09 -1.59 -15.89
N LEU A 660 -22.93 -2.27 -15.12
CA LEU A 660 -23.76 -1.65 -14.11
C LEU A 660 -23.25 -1.89 -12.70
N VAL A 661 -22.10 -2.51 -12.55
CA VAL A 661 -21.61 -2.85 -11.22
C VAL A 661 -20.96 -1.65 -10.56
N ILE A 662 -21.29 -1.47 -9.29
CA ILE A 662 -20.77 -0.41 -8.42
C ILE A 662 -19.93 -1.05 -7.33
N HIS A 663 -18.70 -0.55 -7.13
CA HIS A 663 -17.78 -1.11 -6.17
C HIS A 663 -17.54 -0.14 -5.02
N GLU A 664 -17.79 -0.59 -3.79
CA GLU A 664 -17.50 0.24 -2.61
C GLU A 664 -16.92 -0.65 -1.52
N GLN A 665 -15.89 -0.11 -0.88
CA GLN A 665 -15.10 -0.79 0.12
C GLN A 665 -15.79 -0.70 1.47
N ILE A 666 -15.86 -1.84 2.17
CA ILE A 666 -16.14 -1.84 3.61
C ILE A 666 -14.88 -1.36 4.32
N THR A 667 -15.03 -0.54 5.37
CA THR A 667 -13.85 0.07 5.98
C THR A 667 -13.74 -0.15 7.48
N ARG A 668 -14.62 -0.95 8.05
CA ARG A 668 -14.70 -1.13 9.49
C ARG A 668 -15.61 -2.32 9.75
N ASP A 669 -15.74 -2.70 11.01
CA ASP A 669 -16.67 -3.77 11.35
C ASP A 669 -18.09 -3.29 11.11
N LEU A 670 -18.95 -4.21 10.66
CA LEU A 670 -20.29 -3.83 10.25
C LEU A 670 -21.11 -3.25 11.39
N LYS A 671 -20.86 -3.68 12.63
CA LYS A 671 -21.63 -3.15 13.74
C LYS A 671 -21.33 -1.67 13.97
N ASP A 672 -20.14 -1.21 13.58
CA ASP A 672 -19.75 0.15 13.91
C ASP A 672 -20.27 1.19 12.93
N TYR A 673 -20.87 0.75 11.82
CA TYR A 673 -21.47 1.72 10.90
C TYR A 673 -22.62 2.41 11.57
N LYS A 674 -22.65 3.73 11.51
CA LYS A 674 -23.76 4.47 12.06
C LYS A 674 -24.83 4.75 11.01
N ALA A 675 -24.43 4.87 9.76
CA ALA A 675 -25.34 4.99 8.65
C ALA A 675 -25.08 3.83 7.70
N THR A 676 -26.15 3.27 7.14
CA THR A 676 -26.07 2.08 6.30
C THR A 676 -26.44 2.42 4.86
N GLY A 677 -25.43 2.66 4.02
CA GLY A 677 -25.65 2.78 2.60
C GLY A 677 -25.76 1.41 1.94
N PRO A 678 -26.01 1.42 0.63
CA PRO A 678 -26.25 0.15 -0.07
C PRO A 678 -25.13 -0.87 0.09
N HIS A 679 -23.86 -0.47 -0.02
CA HIS A 679 -22.80 -1.46 0.06
C HIS A 679 -22.79 -2.14 1.43
N VAL A 680 -23.10 -1.39 2.48
CA VAL A 680 -23.17 -2.00 3.81
C VAL A 680 -24.43 -2.86 3.93
N ALA A 681 -25.53 -2.42 3.32
CA ALA A 681 -26.73 -3.25 3.37
C ALA A 681 -26.45 -4.61 2.76
N VAL A 682 -25.74 -4.62 1.63
CA VAL A 682 -25.37 -5.88 0.99
C VAL A 682 -24.44 -6.66 1.92
N ALA A 683 -23.38 -5.99 2.39
CA ALA A 683 -22.42 -6.62 3.28
C ALA A 683 -23.11 -7.28 4.46
N LYS A 684 -24.02 -6.56 5.11
CA LYS A 684 -24.71 -7.13 6.27
C LYS A 684 -25.48 -8.39 5.89
N ARG A 685 -26.12 -8.39 4.72
CA ARG A 685 -26.83 -9.58 4.28
C ARG A 685 -25.89 -10.76 4.06
N LEU A 686 -24.70 -10.49 3.52
CA LEU A 686 -23.75 -11.57 3.30
C LEU A 686 -23.22 -12.08 4.62
N ALA A 687 -22.92 -11.19 5.56
CA ALA A 687 -22.53 -11.63 6.89
C ALA A 687 -23.63 -12.44 7.54
N ALA A 688 -24.88 -12.06 7.32
CA ALA A 688 -26.01 -12.84 7.82
C ALA A 688 -25.93 -14.29 7.36
N ARG A 689 -25.50 -14.50 6.11
CA ARG A 689 -25.28 -15.85 5.57
C ARG A 689 -23.90 -16.31 5.99
N GLY A 690 -23.30 -17.26 5.31
CA GLY A 690 -22.01 -17.74 5.77
C GLY A 690 -20.77 -17.00 5.30
N VAL A 691 -20.74 -15.66 5.31
CA VAL A 691 -19.72 -14.90 4.59
C VAL A 691 -19.02 -13.90 5.52
N LYS A 692 -17.69 -13.96 5.54
CA LYS A 692 -16.90 -13.08 6.38
C LYS A 692 -16.58 -11.81 5.62
N ILE A 693 -16.86 -10.68 6.25
CA ILE A 693 -16.58 -9.37 5.69
C ILE A 693 -15.58 -8.71 6.61
N ARG A 694 -14.41 -8.39 6.08
CA ARG A 694 -13.42 -7.69 6.87
C ARG A 694 -13.10 -6.36 6.21
N PRO A 695 -12.60 -5.39 6.96
CA PRO A 695 -12.21 -4.14 6.34
C PRO A 695 -11.29 -4.40 5.17
N GLY A 696 -11.55 -3.72 4.08
CA GLY A 696 -10.81 -3.89 2.85
C GLY A 696 -11.57 -4.66 1.81
N THR A 697 -12.62 -5.37 2.21
CA THR A 697 -13.45 -6.07 1.26
C THR A 697 -14.20 -5.09 0.36
N VAL A 698 -14.11 -5.28 -0.95
CA VAL A 698 -14.88 -4.49 -1.89
C VAL A 698 -16.22 -5.15 -2.14
N ILE A 699 -17.31 -4.44 -1.86
CA ILE A 699 -18.66 -4.91 -2.19
C ILE A 699 -19.00 -4.47 -3.62
N SER A 700 -19.25 -5.43 -4.49
CA SER A 700 -19.58 -5.16 -5.89
C SER A 700 -21.02 -5.53 -6.14
N TYR A 701 -21.87 -4.51 -6.37
CA TYR A 701 -23.30 -4.68 -6.40
C TYR A 701 -23.92 -4.04 -7.63
N ILE A 702 -25.16 -4.45 -7.89
CA ILE A 702 -25.96 -3.91 -8.98
C ILE A 702 -27.34 -3.58 -8.41
N VAL A 703 -27.94 -2.50 -8.91
CA VAL A 703 -29.24 -2.06 -8.39
C VAL A 703 -30.37 -2.64 -9.24
N LEU A 704 -31.32 -3.29 -8.58
CA LEU A 704 -32.44 -3.93 -9.24
C LEU A 704 -33.64 -3.01 -9.24
N LYS A 705 -34.57 -3.30 -10.16
CA LYS A 705 -35.73 -2.43 -10.36
C LYS A 705 -36.57 -2.29 -9.09
N GLY A 706 -37.05 -1.08 -8.85
CA GLY A 706 -37.87 -0.79 -7.70
C GLY A 706 -37.79 0.70 -7.40
N SER A 707 -38.31 1.06 -6.23
CA SER A 707 -38.18 2.42 -5.72
C SER A 707 -38.02 2.39 -4.22
N GLY A 708 -37.62 3.52 -3.67
CA GLY A 708 -37.31 3.58 -2.26
C GLY A 708 -35.83 3.49 -2.03
N ARG A 709 -35.42 2.89 -0.92
CA ARG A 709 -34.01 2.84 -0.57
C ARG A 709 -33.22 2.02 -1.58
N ILE A 710 -32.11 2.58 -2.06
CA ILE A 710 -31.25 1.82 -2.95
C ILE A 710 -30.84 0.51 -2.29
N GLY A 711 -30.51 0.56 -1.00
CA GLY A 711 -30.00 -0.62 -0.32
C GLY A 711 -30.99 -1.77 -0.23
N ASP A 712 -32.29 -1.48 -0.28
CA ASP A 712 -33.26 -2.56 -0.26
C ASP A 712 -33.32 -3.34 -1.57
N ARG A 713 -32.71 -2.86 -2.65
CA ARG A 713 -32.83 -3.58 -3.91
C ARG A 713 -31.48 -3.72 -4.59
N ALA A 714 -30.40 -3.66 -3.81
CA ALA A 714 -29.05 -3.88 -4.30
C ALA A 714 -28.66 -5.32 -4.04
N ILE A 715 -28.00 -5.94 -5.03
CA ILE A 715 -27.49 -7.30 -4.85
C ILE A 715 -26.04 -7.40 -5.30
N PRO A 716 -25.27 -8.31 -4.70
CA PRO A 716 -23.93 -8.59 -5.22
C PRO A 716 -24.01 -8.99 -6.68
N PHE A 717 -23.07 -8.46 -7.50
CA PHE A 717 -23.11 -8.80 -8.90
C PHE A 717 -22.90 -10.29 -9.15
N ASP A 718 -22.14 -10.96 -8.26
CA ASP A 718 -21.91 -12.39 -8.27
C ASP A 718 -23.21 -13.13 -8.56
N GLU A 719 -24.29 -12.67 -7.92
CA GLU A 719 -25.57 -13.36 -7.94
C GLU A 719 -26.52 -12.87 -9.03
N PHE A 720 -26.11 -11.93 -9.87
CA PHE A 720 -27.04 -11.41 -10.87
C PHE A 720 -27.31 -12.47 -11.93
N ASP A 721 -28.59 -12.75 -12.16
CA ASP A 721 -29.03 -13.74 -13.15
C ASP A 721 -30.10 -13.08 -13.99
N PRO A 722 -29.88 -12.84 -15.29
CA PRO A 722 -30.83 -12.01 -16.05
C PRO A 722 -32.20 -12.64 -16.20
N THR A 723 -32.32 -13.94 -15.95
CA THR A 723 -33.61 -14.59 -15.98
C THR A 723 -34.37 -14.43 -14.68
N LYS A 724 -33.67 -14.02 -13.61
CA LYS A 724 -34.31 -13.84 -12.31
C LYS A 724 -34.28 -12.39 -11.87
N HIS A 725 -33.57 -11.52 -12.58
CA HIS A 725 -33.38 -10.16 -12.15
C HIS A 725 -33.49 -9.19 -13.31
N LYS A 726 -33.96 -8.00 -12.98
CA LYS A 726 -34.10 -6.89 -13.91
C LYS A 726 -33.39 -5.70 -13.27
N TYR A 727 -32.42 -5.16 -13.99
CA TYR A 727 -31.71 -4.07 -13.36
C TYR A 727 -32.55 -2.81 -13.43
N ASP A 728 -32.25 -1.86 -12.54
CA ASP A 728 -33.04 -0.64 -12.41
C ASP A 728 -32.55 0.40 -13.41
N ALA A 729 -33.15 0.38 -14.61
CA ALA A 729 -32.70 1.27 -15.68
C ALA A 729 -32.88 2.75 -15.33
N GLU A 730 -33.97 3.10 -14.65
CA GLU A 730 -34.15 4.49 -14.25
C GLU A 730 -33.06 4.93 -13.28
N TYR A 731 -32.64 4.04 -12.38
CA TYR A 731 -31.52 4.39 -11.51
C TYR A 731 -30.24 4.61 -12.31
N TYR A 732 -29.93 3.75 -13.26
CA TYR A 732 -28.67 3.95 -13.96
C TYR A 732 -28.73 5.19 -14.85
N ILE A 733 -29.93 5.63 -15.25
CA ILE A 733 -30.06 6.90 -15.94
C ILE A 733 -29.96 8.07 -14.96
N GLU A 734 -30.81 8.10 -13.93
CA GLU A 734 -31.01 9.29 -13.13
C GLU A 734 -29.95 9.43 -12.04
N ASN A 735 -29.37 8.33 -11.59
CA ASN A 735 -28.43 8.35 -10.48
C ASN A 735 -26.99 8.09 -10.88
N GLN A 736 -26.76 7.52 -12.06
CA GLN A 736 -25.41 7.19 -12.52
C GLN A 736 -25.05 8.03 -13.74
N VAL A 737 -25.70 7.82 -14.89
CA VAL A 737 -25.20 8.43 -16.11
C VAL A 737 -25.46 9.94 -16.10
N LEU A 738 -26.71 10.36 -15.93
CA LEU A 738 -26.99 11.79 -16.09
C LEU A 738 -26.23 12.65 -15.11
N PRO A 739 -26.14 12.32 -13.81
CA PRO A 739 -25.34 13.18 -12.91
C PRO A 739 -23.89 13.27 -13.33
N ALA A 740 -23.30 12.18 -13.78
CA ALA A 740 -21.89 12.23 -14.17
C ALA A 740 -21.67 13.15 -15.36
N VAL A 741 -22.57 13.13 -16.35
CA VAL A 741 -22.33 13.97 -17.52
C VAL A 741 -22.93 15.37 -17.37
N GLU A 742 -23.96 15.54 -16.53
CA GLU A 742 -24.50 16.87 -16.30
C GLU A 742 -23.47 17.78 -15.66
N ARG A 743 -22.67 17.22 -14.75
CA ARG A 743 -21.70 18.05 -14.06
C ARG A 743 -20.70 18.65 -15.03
N ILE A 744 -20.46 17.96 -16.13
CA ILE A 744 -19.60 18.49 -17.18
C ILE A 744 -20.38 19.44 -18.09
N LEU A 745 -21.45 18.95 -18.72
CA LEU A 745 -22.16 19.78 -19.70
C LEU A 745 -22.98 20.89 -19.04
N ARG A 746 -23.08 20.91 -17.71
CA ARG A 746 -23.67 22.05 -17.01
C ARG A 746 -23.05 23.36 -17.47
N ALA A 747 -21.76 23.32 -17.83
CA ALA A 747 -21.02 24.54 -18.15
C ALA A 747 -21.42 25.16 -19.48
N PHE A 748 -22.17 24.45 -20.33
CA PHE A 748 -22.59 24.97 -21.63
C PHE A 748 -24.08 25.21 -21.68
N GLY A 749 -24.76 25.06 -20.55
CA GLY A 749 -26.16 25.39 -20.43
C GLY A 749 -27.10 24.21 -20.44
N TYR A 750 -26.60 22.99 -20.63
CA TYR A 750 -27.48 21.82 -20.74
C TYR A 750 -27.89 21.34 -19.36
N ARG A 751 -29.20 21.14 -19.17
CA ARG A 751 -29.73 20.56 -17.95
C ARG A 751 -30.10 19.10 -18.21
N LYS A 752 -30.44 18.37 -17.13
CA LYS A 752 -30.62 16.93 -17.27
C LYS A 752 -31.62 16.60 -18.37
N GLU A 753 -32.68 17.40 -18.49
CA GLU A 753 -33.76 17.11 -19.43
C GLU A 753 -33.37 17.36 -20.88
N ASP A 754 -32.30 18.11 -21.14
CA ASP A 754 -31.79 18.21 -22.50
C ASP A 754 -30.94 17.02 -22.87
N LEU A 755 -30.70 16.10 -21.93
CA LEU A 755 -29.75 15.02 -22.09
C LEU A 755 -30.40 13.65 -22.12
N ARG A 756 -31.67 13.56 -21.79
CA ARG A 756 -32.38 12.29 -21.70
C ARG A 756 -33.06 11.98 -23.03
N TYR A 757 -33.04 10.71 -23.41
CA TYR A 757 -33.89 10.25 -24.50
C TYR A 757 -35.37 10.49 -24.17
N GLN A 758 -36.18 10.71 -25.19
CA GLN A 758 -37.60 10.95 -25.00
C GLN A 758 -38.40 9.74 -25.49
N LYS A 759 -39.37 9.30 -24.68
CA LYS A 759 -40.20 8.14 -25.01
C LYS A 759 -41.21 8.47 -26.09
#